data_3TFC
#
_entry.id   3TFC
#
_cell.length_a   110.161
_cell.length_b   110.890
_cell.length_c   80.230
_cell.angle_alpha   90.00
_cell.angle_beta   127.21
_cell.angle_gamma   90.00
#
_symmetry.space_group_name_H-M   'C 1 2 1'
#
loop_
_entity.id
_entity.type
_entity.pdbx_description
1 polymer '3-deoxy-D-arabino-heptulosonate 7-phosphate synthase'
2 non-polymer 'MANGANESE (II) ION'
3 non-polymer PHOSPHOENOLPYRUVATE
4 non-polymer 'CHLORIDE ION'
5 water water
#
_entity_poly.entity_id   1
_entity_poly.type   'polypeptide(L)'
_entity_poly.pdbx_seq_one_letter_code
;MHHHHHHSSGVDLGTENLYFQSNAMVNTNLEELRTQVDQLNIDLLELISKRANLVQEIGKIKGTQGSLRFDPLREREMLN
TILAANEGPFEDSTVQKLFKEIFKAGLELQEEDHSKALLVSRKNKKEDTIVTVKGLPIGNGEPVFVFGPCSVESYEQVAA
VAESIKAKGLKLIRGGAFKPRTSPYDFQGLGLEGLKILKRVSDEYGLGVISEIVTPADIEVALDYVDVIQIGARNMQNFE
LLKAAGRVDKPILLKRGLSATIEEFIGAAEYIMSQGNGKIILCERGIRTYEKATRNTLDISAVPILKKETHLPVMVDVTH
STGRKDLLLPCAKAALAIEADGVMAEVHPDPAVALSDSAQQMDIPEFEEFWNAILASNLVPHKIK
;
_entity_poly.pdbx_strand_id   A,B
#
loop_
_chem_comp.id
_chem_comp.type
_chem_comp.name
_chem_comp.formula
CL non-polymer 'CHLORIDE ION' 'Cl -1'
MN non-polymer 'MANGANESE (II) ION' 'Mn 2'
PEP non-polymer PHOSPHOENOLPYRUVATE 'C3 H5 O6 P'
#
# COMPACT_ATOMS: atom_id res chain seq x y z
N LEU A 33 32.08 -33.60 8.14
CA LEU A 33 31.65 -32.41 8.94
C LEU A 33 30.13 -32.36 9.11
N ARG A 34 29.39 -32.74 8.07
CA ARG A 34 27.92 -32.75 8.12
C ARG A 34 27.40 -33.51 9.33
N THR A 35 28.03 -34.64 9.66
CA THR A 35 27.62 -35.45 10.80
C THR A 35 27.70 -34.65 12.11
N GLN A 36 28.79 -33.90 12.28
CA GLN A 36 29.00 -33.09 13.49
C GLN A 36 28.06 -31.87 13.54
N VAL A 37 27.78 -31.29 12.37
CA VAL A 37 26.88 -30.12 12.29
C VAL A 37 25.44 -30.52 12.63
N ASP A 38 25.07 -31.76 12.32
CA ASP A 38 23.74 -32.27 12.64
C ASP A 38 23.58 -32.50 14.14
N GLN A 39 24.70 -32.81 14.82
CA GLN A 39 24.70 -32.99 16.27
C GLN A 39 24.52 -31.64 16.96
N LEU A 40 25.23 -30.63 16.46
CA LEU A 40 25.14 -29.27 17.00
C LEU A 40 23.74 -28.68 16.87
N ASN A 41 23.04 -29.04 15.79
CA ASN A 41 21.68 -28.56 15.56
C ASN A 41 20.70 -29.12 16.60
N ILE A 42 20.88 -30.40 16.96
CA ILE A 42 20.04 -31.05 17.98
C ILE A 42 20.34 -30.44 19.35
N ASP A 43 21.61 -30.13 19.61
CA ASP A 43 22.02 -29.51 20.87
C ASP A 43 21.41 -28.11 21.00
N LEU A 44 21.34 -27.38 19.89
CA LEU A 44 20.75 -26.04 19.88
C LEU A 44 19.26 -26.10 20.21
N LEU A 45 18.55 -27.04 19.60
CA LEU A 45 17.12 -27.20 19.84
C LEU A 45 16.85 -27.50 21.32
N GLU A 46 17.64 -28.40 21.89
CA GLU A 46 17.50 -28.78 23.29
C GLU A 46 17.78 -27.61 24.24
N LEU A 47 18.77 -26.79 23.86
CA LEU A 47 19.18 -25.64 24.67
C LEU A 47 18.16 -24.50 24.52
N ILE A 48 17.67 -24.30 23.30
CA ILE A 48 16.66 -23.27 23.05
C ILE A 48 15.37 -23.65 23.78
N SER A 49 15.00 -24.92 23.70
CA SER A 49 13.80 -25.43 24.36
C SER A 49 13.93 -25.36 25.88
N LYS A 50 15.08 -25.77 26.41
CA LYS A 50 15.30 -25.72 27.86
C LYS A 50 15.26 -24.27 28.34
N ARG A 51 15.94 -23.39 27.61
CA ARG A 51 15.94 -21.98 27.95
C ARG A 51 14.50 -21.44 27.93
N ALA A 52 13.76 -21.75 26.86
CA ALA A 52 12.37 -21.29 26.71
C ALA A 52 11.50 -21.73 27.90
N ASN A 53 11.65 -22.99 28.31
CA ASN A 53 10.92 -23.52 29.47
C ASN A 53 11.27 -22.77 30.75
N LEU A 54 12.56 -22.52 30.94
CA LEU A 54 13.03 -21.84 32.14
C LEU A 54 12.45 -20.42 32.17
N VAL A 55 12.45 -19.73 31.03
CA VAL A 55 11.92 -18.36 30.94
C VAL A 55 10.40 -18.32 31.17
N GLN A 56 9.71 -19.40 30.79
CA GLN A 56 8.26 -19.47 31.00
C GLN A 56 7.98 -19.69 32.49
N GLU A 57 8.86 -20.41 33.17
CA GLU A 57 8.72 -20.63 34.62
C GLU A 57 8.87 -19.30 35.37
N ILE A 58 9.78 -18.45 34.88
CA ILE A 58 9.99 -17.13 35.47
C ILE A 58 8.72 -16.29 35.36
N GLY A 59 7.99 -16.46 34.26
CA GLY A 59 6.71 -15.76 34.05
C GLY A 59 5.68 -16.09 35.11
N LYS A 60 5.63 -17.36 35.52
CA LYS A 60 4.71 -17.81 36.57
C LYS A 60 5.15 -17.41 37.98
N ILE A 61 6.44 -17.60 38.28
CA ILE A 61 6.97 -17.27 39.61
C ILE A 61 6.81 -15.78 39.94
N LYS A 62 6.57 -14.95 38.92
CA LYS A 62 6.33 -13.52 39.13
C LYS A 62 4.94 -13.30 39.72
N LEU A 68 4.28 -6.02 33.82
CA LEU A 68 4.11 -6.07 32.37
C LEU A 68 4.79 -7.31 31.76
N ARG A 69 4.31 -7.70 30.59
CA ARG A 69 4.85 -8.86 29.86
C ARG A 69 6.15 -8.49 29.15
N PHE A 70 6.35 -7.20 28.94
CA PHE A 70 7.51 -6.67 28.23
C PHE A 70 8.53 -6.11 29.21
N ASP A 71 9.80 -6.43 28.99
CA ASP A 71 10.84 -5.99 29.90
C ASP A 71 12.11 -5.64 29.13
N PRO A 72 12.16 -4.43 28.55
CA PRO A 72 13.33 -3.97 27.80
C PRO A 72 14.64 -3.94 28.61
N LEU A 73 14.56 -3.64 29.91
N LEU A 73 14.55 -3.65 29.91
CA LEU A 73 15.76 -3.59 30.74
CA LEU A 73 15.74 -3.59 30.75
C LEU A 73 16.42 -4.96 30.89
C LEU A 73 16.41 -4.96 30.90
N ARG A 74 15.60 -6.00 31.12
CA ARG A 74 16.12 -7.36 31.25
C ARG A 74 16.70 -7.82 29.90
N GLU A 75 16.08 -7.40 28.79
CA GLU A 75 16.58 -7.74 27.46
C GLU A 75 17.96 -7.12 27.21
N ARG A 76 18.14 -5.85 27.57
CA ARG A 76 19.44 -5.20 27.40
C ARG A 76 20.48 -5.87 28.33
N GLU A 77 20.06 -6.24 29.53
CA GLU A 77 20.96 -6.91 30.48
C GLU A 77 21.45 -8.25 29.93
N MET A 78 20.56 -9.03 29.34
CA MET A 78 20.96 -10.30 28.73
C MET A 78 21.88 -10.05 27.53
N LEU A 79 21.56 -9.06 26.70
CA LEU A 79 22.39 -8.74 25.53
C LEU A 79 23.80 -8.30 25.90
N ASN A 80 23.93 -7.45 26.93
CA ASN A 80 25.24 -7.00 27.36
C ASN A 80 26.14 -8.18 27.72
N THR A 81 25.61 -9.13 28.47
CA THR A 81 26.36 -10.33 28.88
C THR A 81 26.73 -11.16 27.65
N ILE A 82 25.78 -11.34 26.75
CA ILE A 82 26.01 -12.10 25.53
C ILE A 82 27.08 -11.45 24.64
N LEU A 83 26.93 -10.16 24.38
CA LEU A 83 27.85 -9.44 23.51
C LEU A 83 29.26 -9.34 24.09
N ALA A 84 29.35 -9.22 25.42
CA ALA A 84 30.65 -9.16 26.10
C ALA A 84 31.41 -10.48 25.96
N ALA A 85 30.68 -11.59 25.84
CA ALA A 85 31.30 -12.91 25.69
C ALA A 85 31.59 -13.28 24.23
N ASN A 86 31.14 -12.45 23.29
CA ASN A 86 31.33 -12.72 21.85
C ASN A 86 32.80 -12.69 21.41
N GLU A 87 33.26 -13.79 20.84
CA GLU A 87 34.64 -13.92 20.35
C GLU A 87 34.66 -14.30 18.86
N GLY A 88 33.62 -13.90 18.14
CA GLY A 88 33.49 -14.23 16.73
C GLY A 88 32.95 -15.65 16.55
N PRO A 89 32.72 -16.07 15.29
CA PRO A 89 32.97 -15.36 14.04
C PRO A 89 32.00 -14.22 13.70
N PHE A 90 30.82 -14.22 14.30
CA PHE A 90 29.83 -13.17 14.00
C PHE A 90 30.15 -11.85 14.69
N GLU A 91 29.69 -10.77 14.09
CA GLU A 91 29.88 -9.44 14.66
C GLU A 91 28.80 -9.28 15.73
N ASP A 92 29.00 -8.35 16.65
CA ASP A 92 28.04 -8.11 17.73
C ASP A 92 26.62 -7.80 17.20
N SER A 93 26.53 -7.15 16.05
CA SER A 93 25.22 -6.82 15.47
C SER A 93 24.46 -8.06 15.03
N THR A 94 25.16 -9.02 14.41
CA THR A 94 24.51 -10.27 13.97
C THR A 94 24.06 -11.08 15.18
N VAL A 95 24.93 -11.19 16.18
CA VAL A 95 24.61 -11.94 17.40
C VAL A 95 23.36 -11.38 18.08
N GLN A 96 23.30 -10.05 18.15
CA GLN A 96 22.16 -9.36 18.76
C GLN A 96 20.86 -9.71 18.03
N LYS A 97 20.90 -9.68 16.70
CA LYS A 97 19.72 -10.02 15.92
C LYS A 97 19.25 -11.46 16.16
N LEU A 98 20.18 -12.42 16.17
CA LEU A 98 19.80 -13.81 16.44
C LEU A 98 19.12 -13.95 17.79
N PHE A 99 19.75 -13.42 18.83
CA PHE A 99 19.16 -13.49 20.15
C PHE A 99 17.84 -12.77 20.28
N LYS A 100 17.71 -11.59 19.68
CA LYS A 100 16.43 -10.89 19.73
C LYS A 100 15.34 -11.78 19.13
N GLU A 101 15.68 -12.53 18.08
CA GLU A 101 14.71 -13.45 17.48
C GLU A 101 14.38 -14.58 18.46
N ILE A 102 15.38 -15.06 19.20
CA ILE A 102 15.17 -16.10 20.19
C ILE A 102 14.25 -15.57 21.28
N PHE A 103 14.50 -14.35 21.75
CA PHE A 103 13.66 -13.76 22.79
C PHE A 103 12.25 -13.53 22.27
N LYS A 104 12.15 -12.99 21.06
CA LYS A 104 10.86 -12.71 20.44
C LYS A 104 10.01 -13.98 20.42
N ALA A 105 10.60 -15.10 20.00
CA ALA A 105 9.91 -16.39 19.94
C ALA A 105 9.25 -16.79 21.26
N GLY A 106 9.94 -16.54 22.37
CA GLY A 106 9.43 -16.88 23.71
C GLY A 106 8.11 -16.22 24.10
N LEU A 107 7.82 -15.07 23.51
CA LEU A 107 6.59 -14.35 23.80
C LEU A 107 5.33 -15.16 23.49
N GLU A 108 5.39 -16.00 22.45
CA GLU A 108 4.22 -16.78 22.03
C GLU A 108 3.87 -17.89 23.01
N LEU A 109 4.82 -18.27 23.89
CA LEU A 109 4.54 -19.30 24.90
C LEU A 109 3.60 -18.79 25.99
N GLN A 110 3.61 -17.48 26.22
CA GLN A 110 2.71 -16.87 27.19
C GLN A 110 1.28 -17.27 26.83
N GLU A 111 0.53 -17.69 27.84
CA GLU A 111 -0.84 -18.15 27.63
C GLU A 111 -1.78 -17.08 27.08
N GLU A 112 -1.50 -15.81 27.41
CA GLU A 112 -2.33 -14.70 26.96
C GLU A 112 -1.96 -14.18 25.56
N ASP A 113 -0.83 -14.66 25.04
CA ASP A 113 -0.38 -14.27 23.72
C ASP A 113 -0.77 -15.33 22.69
N HIS A 114 -1.60 -14.94 21.71
CA HIS A 114 -2.03 -15.88 20.66
C HIS A 114 -1.54 -15.44 19.29
N SER A 115 -0.39 -14.77 19.27
N SER A 115 -0.38 -14.77 19.26
CA SER A 115 0.20 -14.27 18.02
CA SER A 115 0.20 -14.28 18.01
C SER A 115 0.47 -15.37 16.98
C SER A 115 0.45 -15.38 16.98
N LYS A 116 0.86 -16.55 17.46
CA LYS A 116 1.19 -17.68 16.58
C LYS A 116 -0.01 -18.51 16.14
N ALA A 117 -1.16 -18.30 16.79
CA ALA A 117 -2.40 -18.98 16.43
C ALA A 117 -3.55 -18.12 16.90
N LEU A 118 -3.84 -17.07 16.12
CA LEU A 118 -4.87 -16.12 16.49
C LEU A 118 -6.19 -16.83 16.81
N LEU A 119 -6.90 -16.30 17.80
CA LEU A 119 -8.19 -16.84 18.22
C LEU A 119 -9.15 -16.88 17.04
N VAL A 120 -9.08 -15.88 16.16
CA VAL A 120 -9.96 -15.84 15.00
C VAL A 120 -9.47 -16.76 13.86
N SER A 121 -8.30 -17.38 13.99
CA SER A 121 -7.74 -18.18 12.91
C SER A 121 -8.14 -19.65 12.98
N ARG A 122 -8.08 -20.32 11.83
CA ARG A 122 -8.40 -21.74 11.76
C ARG A 122 -7.36 -22.57 12.50
N LYS A 123 -6.17 -22.00 12.73
CA LYS A 123 -5.15 -22.68 13.53
C LYS A 123 -5.67 -22.86 14.96
N ASN A 124 -6.46 -21.90 15.44
CA ASN A 124 -7.05 -21.95 16.78
C ASN A 124 -8.28 -22.87 16.78
N LYS A 125 -9.19 -22.61 15.86
CA LYS A 125 -10.44 -23.35 15.72
C LYS A 125 -10.68 -23.63 14.24
N LYS A 126 -10.63 -24.91 13.87
CA LYS A 126 -10.80 -25.33 12.48
C LYS A 126 -12.23 -25.23 11.98
N GLU A 127 -13.21 -25.39 12.88
CA GLU A 127 -14.61 -25.38 12.51
C GLU A 127 -15.12 -23.98 12.22
N ASP A 128 -16.00 -23.86 11.23
CA ASP A 128 -16.59 -22.58 10.87
C ASP A 128 -17.40 -21.99 12.02
N THR A 129 -17.26 -20.69 12.26
CA THR A 129 -18.08 -20.03 13.26
C THR A 129 -19.41 -19.68 12.60
N ILE A 130 -20.51 -20.09 13.24
CA ILE A 130 -21.85 -19.76 12.76
C ILE A 130 -22.37 -18.67 13.69
N VAL A 131 -22.79 -17.55 13.12
CA VAL A 131 -23.34 -16.46 13.90
C VAL A 131 -24.85 -16.38 13.63
N THR A 132 -25.65 -16.65 14.65
CA THR A 132 -27.10 -16.68 14.49
C THR A 132 -27.74 -15.37 14.91
N VAL A 133 -28.55 -14.80 14.00
CA VAL A 133 -29.22 -13.53 14.25
C VAL A 133 -30.71 -13.75 14.04
N LYS A 134 -31.49 -13.62 15.11
CA LYS A 134 -32.94 -13.87 15.07
C LYS A 134 -33.27 -15.17 14.35
N GLY A 135 -32.59 -16.24 14.74
CA GLY A 135 -32.80 -17.56 14.17
C GLY A 135 -32.08 -17.85 12.86
N LEU A 136 -31.57 -16.81 12.20
CA LEU A 136 -30.90 -16.96 10.92
C LEU A 136 -29.42 -17.23 11.10
N PRO A 137 -28.96 -18.42 10.67
CA PRO A 137 -27.56 -18.71 10.83
C PRO A 137 -26.76 -18.02 9.73
N ILE A 138 -25.64 -17.43 10.10
CA ILE A 138 -24.78 -16.76 9.16
C ILE A 138 -23.45 -17.49 9.19
N GLY A 139 -23.04 -18.03 8.05
CA GLY A 139 -21.78 -18.75 7.95
C GLY A 139 -21.94 -20.25 7.89
N ASN A 140 -23.16 -20.73 7.74
CA ASN A 140 -23.44 -22.17 7.70
C ASN A 140 -23.35 -22.81 6.32
N GLY A 141 -23.21 -21.98 5.28
CA GLY A 141 -23.16 -22.48 3.91
C GLY A 141 -24.24 -21.90 3.02
N GLU A 142 -25.31 -21.38 3.63
CA GLU A 142 -26.41 -20.74 2.88
C GLU A 142 -26.29 -19.23 3.03
N PRO A 143 -26.03 -18.50 1.92
CA PRO A 143 -25.81 -17.06 2.04
C PRO A 143 -27.01 -16.25 2.54
N VAL A 144 -26.73 -15.17 3.29
CA VAL A 144 -27.78 -14.28 3.79
C VAL A 144 -27.68 -12.95 3.06
N PHE A 145 -28.79 -12.22 3.02
CA PHE A 145 -28.81 -10.91 2.38
C PHE A 145 -29.31 -9.81 3.32
N VAL A 146 -28.56 -8.72 3.40
CA VAL A 146 -28.91 -7.59 4.24
C VAL A 146 -29.21 -6.37 3.38
N PHE A 147 -30.44 -5.91 3.41
CA PHE A 147 -30.81 -4.73 2.64
C PHE A 147 -31.32 -3.67 3.60
N GLY A 148 -31.35 -2.43 3.12
CA GLY A 148 -31.83 -1.32 3.93
C GLY A 148 -31.21 -0.02 3.48
N PRO A 149 -31.75 1.11 3.97
CA PRO A 149 -31.29 2.43 3.57
C PRO A 149 -29.93 2.77 4.14
N CYS A 150 -29.24 3.69 3.48
CA CYS A 150 -27.94 4.13 3.93
C CYS A 150 -28.10 4.77 5.30
N SER A 151 -29.03 5.73 5.38
CA SER A 151 -29.34 6.45 6.60
C SER A 151 -30.80 6.28 7.01
N VAL A 152 -31.05 6.24 8.33
CA VAL A 152 -32.42 6.23 8.84
C VAL A 152 -32.87 7.67 8.80
N GLU A 153 -33.97 7.94 8.11
CA GLU A 153 -34.46 9.31 7.95
C GLU A 153 -35.83 9.50 8.65
N SER A 154 -36.67 8.48 8.64
CA SER A 154 -37.98 8.54 9.29
C SER A 154 -38.57 7.15 9.47
N TYR A 155 -39.65 7.06 10.25
CA TYR A 155 -40.31 5.78 10.47
C TYR A 155 -40.88 5.27 9.16
N GLU A 156 -41.57 6.14 8.43
CA GLU A 156 -42.19 5.79 7.15
C GLU A 156 -41.17 5.25 6.14
N GLN A 157 -40.04 5.94 6.04
CA GLN A 157 -38.96 5.56 5.11
C GLN A 157 -38.41 4.16 5.41
N VAL A 158 -38.06 3.89 6.67
CA VAL A 158 -37.54 2.58 7.05
C VAL A 158 -38.62 1.51 6.93
N ALA A 159 -39.86 1.84 7.30
CA ALA A 159 -40.95 0.88 7.25
C ALA A 159 -41.25 0.40 5.84
N ALA A 160 -41.15 1.31 4.87
CA ALA A 160 -41.40 0.96 3.46
C ALA A 160 -40.36 -0.05 2.98
N VAL A 161 -39.10 0.18 3.35
CA VAL A 161 -38.05 -0.74 2.97
C VAL A 161 -38.25 -2.08 3.69
N ALA A 162 -38.56 -2.03 4.99
CA ALA A 162 -38.82 -3.26 5.77
C ALA A 162 -39.92 -4.08 5.14
N GLU A 163 -40.97 -3.42 4.67
CA GLU A 163 -42.07 -4.14 4.03
C GLU A 163 -41.60 -4.92 2.80
N SER A 164 -40.76 -4.29 1.98
N SER A 164 -40.75 -4.28 1.98
CA SER A 164 -40.27 -4.93 0.78
CA SER A 164 -40.25 -4.92 0.76
C SER A 164 -39.31 -6.09 1.09
C SER A 164 -39.32 -6.10 1.10
N ILE A 165 -38.58 -5.98 2.20
CA ILE A 165 -37.67 -7.06 2.64
C ILE A 165 -38.48 -8.26 3.15
N LYS A 166 -39.47 -7.99 4.00
CA LYS A 166 -40.32 -9.05 4.55
C LYS A 166 -41.10 -9.80 3.45
N ALA A 167 -41.56 -9.06 2.44
CA ALA A 167 -42.28 -9.67 1.30
C ALA A 167 -41.43 -10.72 0.56
N LYS A 168 -40.11 -10.55 0.60
CA LYS A 168 -39.20 -11.49 -0.08
C LYS A 168 -38.80 -12.65 0.84
N GLY A 169 -39.29 -12.63 2.07
CA GLY A 169 -38.97 -13.68 3.03
C GLY A 169 -37.61 -13.50 3.66
N LEU A 170 -37.07 -12.28 3.58
CA LEU A 170 -35.77 -11.96 4.16
C LEU A 170 -35.95 -11.63 5.64
N LYS A 171 -34.88 -11.70 6.44
CA LYS A 171 -34.99 -11.52 7.89
CA LYS A 171 -34.98 -11.53 7.89
C LYS A 171 -34.04 -10.48 8.51
N LEU A 172 -33.29 -9.76 7.69
CA LEU A 172 -32.36 -8.75 8.21
C LEU A 172 -32.58 -7.40 7.58
N ILE A 173 -32.25 -6.34 8.30
CA ILE A 173 -32.32 -4.98 7.78
C ILE A 173 -31.14 -4.16 8.33
N ARG A 174 -30.57 -3.33 7.48
CA ARG A 174 -29.48 -2.42 7.84
C ARG A 174 -30.04 -1.02 7.81
N GLY A 175 -29.44 -0.13 8.59
CA GLY A 175 -29.84 1.27 8.60
C GLY A 175 -28.90 2.03 9.52
N GLY A 176 -28.34 3.13 9.01
CA GLY A 176 -27.42 3.94 9.78
C GLY A 176 -28.08 5.07 10.57
N ALA A 177 -27.91 5.03 11.89
CA ALA A 177 -28.40 6.06 12.81
C ALA A 177 -27.27 7.06 13.06
N PHE A 178 -26.04 6.56 13.06
CA PHE A 178 -24.83 7.35 13.23
C PHE A 178 -24.07 7.20 11.90
N LYS A 179 -23.91 8.31 11.19
CA LYS A 179 -23.28 8.30 9.89
C LYS A 179 -21.92 8.99 9.88
N PRO A 180 -20.83 8.20 9.71
CA PRO A 180 -19.51 8.83 9.58
C PRO A 180 -19.46 9.61 8.26
N ARG A 181 -19.27 10.93 8.34
CA ARG A 181 -19.21 11.76 7.13
C ARG A 181 -17.86 12.48 6.99
N THR A 182 -17.39 12.64 5.77
CA THR A 182 -16.16 13.37 5.48
C THR A 182 -16.20 14.79 6.07
N SER A 183 -17.33 15.48 5.87
CA SER A 183 -17.54 16.85 6.39
C SER A 183 -18.50 16.88 7.60
N PRO A 184 -18.17 17.67 8.62
CA PRO A 184 -19.05 17.77 9.78
C PRO A 184 -20.40 18.45 9.47
N TYR A 185 -20.49 19.11 8.32
CA TYR A 185 -21.73 19.80 7.94
C TYR A 185 -22.67 18.93 7.13
N ASP A 186 -22.27 17.70 6.85
CA ASP A 186 -23.16 16.76 6.18
C ASP A 186 -23.96 16.02 7.24
N PHE A 187 -25.10 15.46 6.84
CA PHE A 187 -26.01 14.76 7.76
C PHE A 187 -25.30 13.66 8.55
N GLN A 188 -25.28 13.83 9.87
CA GLN A 188 -24.58 12.93 10.80
C GLN A 188 -25.41 11.75 11.30
N GLY A 189 -26.70 11.71 10.94
CA GLY A 189 -27.60 10.66 11.41
C GLY A 189 -28.50 11.16 12.54
N LEU A 190 -29.60 10.44 12.78
CA LEU A 190 -30.53 10.82 13.83
C LEU A 190 -30.07 10.41 15.23
N GLY A 191 -29.02 9.59 15.31
CA GLY A 191 -28.51 9.14 16.59
C GLY A 191 -29.43 8.17 17.28
N LEU A 192 -29.57 8.30 18.60
CA LEU A 192 -30.43 7.42 19.39
C LEU A 192 -31.84 7.30 18.79
N GLU A 193 -32.40 8.41 18.32
N GLU A 193 -32.40 8.42 18.33
CA GLU A 193 -33.74 8.37 17.74
CA GLU A 193 -33.72 8.40 17.70
C GLU A 193 -33.78 7.43 16.52
C GLU A 193 -33.76 7.40 16.55
N GLY A 194 -32.69 7.38 15.76
CA GLY A 194 -32.59 6.49 14.61
C GLY A 194 -32.63 5.02 15.04
N LEU A 195 -31.95 4.71 16.13
CA LEU A 195 -31.94 3.35 16.68
C LEU A 195 -33.35 2.97 17.15
N LYS A 196 -34.06 3.94 17.74
CA LYS A 196 -35.42 3.70 18.23
C LYS A 196 -36.36 3.40 17.06
N ILE A 197 -36.21 4.14 15.96
CA ILE A 197 -37.01 3.90 14.77
C ILE A 197 -36.76 2.49 14.26
N LEU A 198 -35.48 2.14 14.15
CA LEU A 198 -35.07 0.81 13.68
C LEU A 198 -35.67 -0.30 14.51
N LYS A 199 -35.57 -0.19 15.84
CA LYS A 199 -36.15 -1.19 16.76
C LYS A 199 -37.66 -1.31 16.53
N ARG A 200 -38.35 -0.18 16.49
N ARG A 200 -38.35 -0.17 16.49
CA ARG A 200 -39.80 -0.19 16.28
CA ARG A 200 -39.80 -0.14 16.28
C ARG A 200 -40.17 -0.92 15.00
C ARG A 200 -40.17 -0.90 15.01
N VAL A 201 -39.51 -0.57 13.91
CA VAL A 201 -39.80 -1.21 12.61
C VAL A 201 -39.44 -2.69 12.62
N SER A 202 -38.27 -3.02 13.17
CA SER A 202 -37.85 -4.40 13.22
C SER A 202 -38.77 -5.27 14.07
N ASP A 203 -39.17 -4.76 15.23
CA ASP A 203 -40.08 -5.49 16.11
C ASP A 203 -41.41 -5.80 15.42
N GLU A 204 -41.87 -4.89 14.55
CA GLU A 204 -43.12 -5.11 13.84
C GLU A 204 -43.01 -6.02 12.61
N TYR A 205 -41.93 -5.88 11.86
CA TYR A 205 -41.75 -6.66 10.63
C TYR A 205 -40.93 -7.94 10.83
N GLY A 206 -40.59 -8.24 12.08
CA GLY A 206 -39.81 -9.43 12.42
C GLY A 206 -38.46 -9.52 11.74
N LEU A 207 -37.71 -8.42 11.75
CA LEU A 207 -36.39 -8.38 11.11
C LEU A 207 -35.29 -8.10 12.13
N GLY A 208 -34.10 -8.62 11.87
CA GLY A 208 -32.94 -8.41 12.75
C GLY A 208 -32.22 -7.15 12.29
N VAL A 209 -31.85 -6.28 13.22
CA VAL A 209 -31.23 -5.00 12.89
C VAL A 209 -29.70 -4.98 12.95
N ILE A 210 -29.11 -4.47 11.88
CA ILE A 210 -27.68 -4.27 11.79
C ILE A 210 -27.49 -2.76 11.69
N SER A 211 -26.75 -2.17 12.62
CA SER A 211 -26.57 -0.73 12.58
C SER A 211 -25.23 -0.35 13.19
N GLU A 212 -24.66 0.73 12.67
CA GLU A 212 -23.31 1.16 13.08
C GLU A 212 -23.26 1.91 14.41
N ILE A 213 -22.34 1.48 15.27
CA ILE A 213 -22.05 2.15 16.53
C ILE A 213 -20.66 2.80 16.34
N VAL A 214 -20.52 4.09 16.65
CA VAL A 214 -19.29 4.86 16.37
C VAL A 214 -18.35 5.22 17.53
N THR A 215 -18.76 4.94 18.76
CA THR A 215 -17.90 5.27 19.90
C THR A 215 -18.16 4.27 21.04
N PRO A 216 -17.12 3.95 21.84
CA PRO A 216 -17.23 2.92 22.89
C PRO A 216 -18.39 3.12 23.87
N ALA A 217 -18.65 4.37 24.26
CA ALA A 217 -19.73 4.67 25.21
C ALA A 217 -21.12 4.29 24.69
N ASP A 218 -21.31 4.27 23.36
CA ASP A 218 -22.61 3.93 22.77
C ASP A 218 -22.86 2.42 22.66
N ILE A 219 -21.85 1.59 22.91
CA ILE A 219 -22.01 0.15 22.79
C ILE A 219 -23.10 -0.40 23.75
N GLU A 220 -23.05 -0.02 25.02
N GLU A 220 -23.04 -0.02 25.02
CA GLU A 220 -24.01 -0.54 26.00
CA GLU A 220 -23.99 -0.52 26.01
C GLU A 220 -25.44 -0.18 25.61
C GLU A 220 -25.43 -0.17 25.63
N VAL A 221 -25.65 1.08 25.25
CA VAL A 221 -26.98 1.55 24.86
C VAL A 221 -27.51 0.77 23.64
N ALA A 222 -26.63 0.55 22.68
CA ALA A 222 -26.99 -0.15 21.45
C ALA A 222 -27.55 -1.55 21.67
N LEU A 223 -27.13 -2.21 22.76
CA LEU A 223 -27.54 -3.58 23.04
C LEU A 223 -29.05 -3.78 23.05
N ASP A 224 -29.78 -2.75 23.49
CA ASP A 224 -31.23 -2.80 23.56
C ASP A 224 -31.91 -2.51 22.23
N TYR A 225 -31.18 -2.00 21.25
CA TYR A 225 -31.78 -1.62 19.97
C TYR A 225 -31.34 -2.42 18.75
N VAL A 226 -30.13 -3.00 18.77
CA VAL A 226 -29.66 -3.72 17.59
C VAL A 226 -29.42 -5.20 17.84
N ASP A 227 -29.42 -5.94 16.74
CA ASP A 227 -29.17 -7.38 16.74
C ASP A 227 -27.72 -7.66 16.31
N VAL A 228 -27.15 -6.74 15.52
CA VAL A 228 -25.76 -6.82 15.10
C VAL A 228 -25.18 -5.42 15.15
N ILE A 229 -24.10 -5.27 15.89
CA ILE A 229 -23.42 -3.99 15.98
C ILE A 229 -22.42 -3.90 14.81
N GLN A 230 -22.57 -2.88 13.97
CA GLN A 230 -21.65 -2.68 12.85
C GLN A 230 -20.53 -1.69 13.25
N ILE A 231 -19.29 -2.04 12.90
CA ILE A 231 -18.14 -1.17 13.10
C ILE A 231 -17.71 -0.81 11.69
N GLY A 232 -17.85 0.47 11.34
CA GLY A 232 -17.56 0.97 10.01
C GLY A 232 -16.11 0.95 9.60
N ALA A 233 -15.89 1.04 8.29
CA ALA A 233 -14.56 1.01 7.70
C ALA A 233 -13.61 2.04 8.35
N ARG A 234 -14.09 3.26 8.55
CA ARG A 234 -13.28 4.33 9.15
C ARG A 234 -12.90 4.08 10.62
N ASN A 235 -13.65 3.19 11.28
CA ASN A 235 -13.35 2.79 12.67
C ASN A 235 -12.71 1.40 12.81
N MET A 236 -12.26 0.79 11.72
CA MET A 236 -11.69 -0.55 11.82
C MET A 236 -10.48 -0.57 12.77
N GLN A 237 -9.76 0.55 12.85
CA GLN A 237 -8.64 0.65 13.78
C GLN A 237 -8.86 1.64 14.96
N ASN A 238 -10.13 1.78 15.33
CA ASN A 238 -10.53 2.50 16.53
C ASN A 238 -10.47 1.38 17.58
N PHE A 239 -9.27 1.12 18.07
CA PHE A 239 -9.05 -0.02 18.94
C PHE A 239 -9.87 -0.07 20.23
N GLU A 240 -10.11 1.08 20.85
CA GLU A 240 -10.92 1.10 22.06
C GLU A 240 -12.36 0.72 21.74
N LEU A 241 -12.86 1.10 20.56
CA LEU A 241 -14.20 0.70 20.14
C LEU A 241 -14.26 -0.81 19.93
N LEU A 242 -13.22 -1.35 19.30
CA LEU A 242 -13.15 -2.79 19.07
C LEU A 242 -13.15 -3.55 20.40
N LYS A 243 -12.35 -3.07 21.36
CA LYS A 243 -12.27 -3.72 22.69
C LYS A 243 -13.62 -3.72 23.38
N ALA A 244 -14.35 -2.61 23.27
CA ALA A 244 -15.67 -2.47 23.89
C ALA A 244 -16.68 -3.43 23.25
N ALA A 245 -16.62 -3.58 21.93
CA ALA A 245 -17.48 -4.52 21.23
C ALA A 245 -17.11 -5.96 21.63
N GLY A 246 -15.85 -6.16 21.97
CA GLY A 246 -15.36 -7.48 22.42
C GLY A 246 -15.81 -7.89 23.81
N ARG A 247 -16.22 -6.91 24.61
CA ARG A 247 -16.65 -7.14 25.99
C ARG A 247 -18.13 -7.45 26.15
N VAL A 248 -18.92 -7.37 25.09
CA VAL A 248 -20.35 -7.66 25.16
C VAL A 248 -20.67 -8.92 24.38
N ASP A 249 -21.84 -9.50 24.65
CA ASP A 249 -22.27 -10.72 23.97
C ASP A 249 -23.30 -10.33 22.91
N LYS A 250 -22.80 -9.83 21.80
CA LYS A 250 -23.63 -9.37 20.70
C LYS A 250 -22.85 -9.55 19.40
N PRO A 251 -23.54 -10.02 18.34
CA PRO A 251 -22.86 -10.15 17.07
C PRO A 251 -22.30 -8.83 16.59
N ILE A 252 -21.10 -8.89 16.00
CA ILE A 252 -20.44 -7.71 15.47
C ILE A 252 -20.16 -7.93 13.98
N LEU A 253 -20.45 -6.90 13.19
CA LEU A 253 -20.16 -6.89 11.76
C LEU A 253 -19.00 -5.91 11.59
N LEU A 254 -17.80 -6.42 11.37
CA LEU A 254 -16.60 -5.61 11.23
C LEU A 254 -16.29 -5.33 9.75
N LYS A 255 -16.39 -4.07 9.34
CA LYS A 255 -16.05 -3.68 7.98
C LYS A 255 -14.56 -3.43 7.83
N ARG A 256 -13.99 -3.88 6.71
CA ARG A 256 -12.58 -3.68 6.41
C ARG A 256 -12.28 -2.20 6.22
N GLY A 257 -11.15 -1.75 6.78
CA GLY A 257 -10.73 -0.35 6.64
C GLY A 257 -10.53 0.07 5.20
N LEU A 258 -10.67 1.38 4.93
CA LEU A 258 -10.56 1.94 3.57
C LEU A 258 -9.30 1.47 2.83
N SER A 259 -8.20 1.32 3.57
N SER A 259 -8.19 1.32 3.56
CA SER A 259 -6.95 0.87 2.99
CA SER A 259 -6.96 0.85 2.97
C SER A 259 -6.27 -0.16 3.90
C SER A 259 -6.27 -0.17 3.89
N ALA A 260 -7.08 -0.96 4.60
CA ALA A 260 -6.56 -1.97 5.51
C ALA A 260 -6.03 -3.19 4.76
N THR A 261 -4.92 -3.74 5.22
CA THR A 261 -4.41 -4.96 4.66
C THR A 261 -5.21 -6.10 5.30
N ILE A 262 -5.18 -7.26 4.68
CA ILE A 262 -5.81 -8.44 5.23
C ILE A 262 -5.29 -8.72 6.64
N GLU A 263 -3.98 -8.59 6.84
CA GLU A 263 -3.36 -8.81 8.16
C GLU A 263 -3.96 -7.87 9.21
N GLU A 264 -4.13 -6.59 8.85
CA GLU A 264 -4.71 -5.61 9.77
C GLU A 264 -6.17 -5.89 10.08
N PHE A 265 -6.89 -6.38 9.08
CA PHE A 265 -8.33 -6.69 9.20
C PHE A 265 -8.51 -7.83 10.19
N ILE A 266 -7.66 -8.84 10.06
CA ILE A 266 -7.66 -9.99 10.95
C ILE A 266 -7.25 -9.56 12.36
N GLY A 267 -6.26 -8.68 12.43
CA GLY A 267 -5.82 -8.14 13.71
C GLY A 267 -6.93 -7.40 14.43
N ALA A 268 -7.72 -6.64 13.67
CA ALA A 268 -8.84 -5.88 14.24
C ALA A 268 -9.88 -6.84 14.82
N ALA A 269 -10.17 -7.91 14.08
CA ALA A 269 -11.11 -8.90 14.54
C ALA A 269 -10.59 -9.57 15.84
N GLU A 270 -9.28 -9.76 15.90
CA GLU A 270 -8.62 -10.37 17.08
C GLU A 270 -8.75 -9.45 18.32
N TYR A 271 -8.80 -8.12 18.12
CA TYR A 271 -9.01 -7.20 19.24
C TYR A 271 -10.35 -7.51 19.90
N ILE A 272 -11.37 -7.76 19.06
CA ILE A 272 -12.69 -8.07 19.53
C ILE A 272 -12.70 -9.42 20.24
N MET A 273 -12.23 -10.44 19.55
CA MET A 273 -12.30 -11.79 20.11
C MET A 273 -11.43 -12.01 21.33
N SER A 274 -10.31 -11.30 21.44
CA SER A 274 -9.42 -11.47 22.61
C SER A 274 -10.08 -10.98 23.91
N GLN A 275 -11.14 -10.17 23.78
CA GLN A 275 -11.88 -9.70 24.96
C GLN A 275 -12.97 -10.70 25.37
N GLY A 276 -13.30 -11.64 24.49
CA GLY A 276 -14.30 -12.67 24.81
C GLY A 276 -15.40 -12.90 23.78
N ASN A 277 -15.71 -11.87 22.99
CA ASN A 277 -16.78 -11.97 22.00
C ASN A 277 -16.30 -12.58 20.67
N GLY A 278 -16.73 -13.81 20.38
CA GLY A 278 -16.36 -14.48 19.15
C GLY A 278 -17.42 -14.45 18.06
N LYS A 279 -18.49 -13.68 18.28
CA LYS A 279 -19.58 -13.57 17.31
C LYS A 279 -19.29 -12.43 16.34
N ILE A 280 -18.35 -12.69 15.43
CA ILE A 280 -17.85 -11.68 14.50
C ILE A 280 -18.04 -12.08 13.04
N ILE A 281 -18.61 -11.16 12.28
CA ILE A 281 -18.82 -11.34 10.86
C ILE A 281 -17.93 -10.30 10.15
N LEU A 282 -17.10 -10.76 9.23
CA LEU A 282 -16.21 -9.86 8.49
C LEU A 282 -16.90 -9.36 7.24
N CYS A 283 -16.71 -8.09 6.91
CA CYS A 283 -17.34 -7.55 5.70
C CYS A 283 -16.35 -6.84 4.76
N GLU A 284 -16.19 -7.38 3.56
CA GLU A 284 -15.37 -6.75 2.52
C GLU A 284 -16.26 -5.68 1.89
N ARG A 285 -15.73 -4.47 1.76
CA ARG A 285 -16.49 -3.35 1.21
C ARG A 285 -15.69 -2.46 0.24
N GLY A 286 -14.68 -3.05 -0.39
CA GLY A 286 -13.84 -2.36 -1.35
C GLY A 286 -12.68 -1.65 -0.68
N ILE A 287 -11.60 -1.45 -1.42
CA ILE A 287 -10.43 -0.78 -0.90
C ILE A 287 -10.10 0.41 -1.78
N ARG A 288 -9.39 1.37 -1.19
CA ARG A 288 -9.06 2.59 -1.88
C ARG A 288 -7.90 2.40 -2.85
N THR A 289 -8.12 2.82 -4.09
CA THR A 289 -7.11 2.70 -5.14
C THR A 289 -7.19 3.95 -5.99
N TYR A 290 -6.33 4.02 -7.01
CA TYR A 290 -6.32 5.14 -7.96
C TYR A 290 -7.51 5.15 -8.91
N GLU A 291 -8.22 4.03 -9.05
CA GLU A 291 -9.32 3.95 -10.03
C GLU A 291 -10.46 4.90 -9.72
N LYS A 292 -10.87 5.67 -10.74
CA LYS A 292 -11.93 6.65 -10.57
CA LYS A 292 -11.93 6.67 -10.62
C LYS A 292 -13.30 6.20 -11.13
N ALA A 293 -13.32 5.10 -11.88
CA ALA A 293 -14.59 4.59 -12.45
C ALA A 293 -15.53 4.04 -11.35
N THR A 294 -14.95 3.66 -10.22
CA THR A 294 -15.71 3.15 -9.08
C THR A 294 -15.32 3.98 -7.86
N ARG A 295 -16.11 3.90 -6.79
CA ARG A 295 -15.77 4.62 -5.56
C ARG A 295 -14.59 3.94 -4.90
N ASN A 296 -14.64 2.61 -4.83
CA ASN A 296 -13.57 1.80 -4.28
C ASN A 296 -13.37 0.62 -5.22
N THR A 297 -12.34 -0.17 -4.98
CA THR A 297 -12.11 -1.33 -5.79
C THR A 297 -12.52 -2.52 -4.94
N LEU A 298 -13.57 -3.22 -5.37
CA LEU A 298 -14.04 -4.40 -4.65
C LEU A 298 -12.89 -5.41 -4.69
N ASP A 299 -12.44 -5.89 -3.54
CA ASP A 299 -11.35 -6.85 -3.51
C ASP A 299 -11.96 -8.23 -3.28
N ILE A 300 -12.49 -8.81 -4.35
CA ILE A 300 -13.20 -10.09 -4.26
C ILE A 300 -12.32 -11.21 -3.70
N SER A 301 -11.02 -11.15 -4.00
CA SER A 301 -10.07 -12.18 -3.52
C SER A 301 -9.98 -12.25 -2.00
N ALA A 302 -10.38 -11.18 -1.30
CA ALA A 302 -10.36 -11.18 0.16
C ALA A 302 -11.26 -12.25 0.76
N VAL A 303 -12.36 -12.57 0.07
CA VAL A 303 -13.31 -13.57 0.58
C VAL A 303 -12.65 -14.94 0.78
N PRO A 304 -12.11 -15.53 -0.29
CA PRO A 304 -11.45 -16.83 -0.09
C PRO A 304 -10.20 -16.76 0.79
N ILE A 305 -9.49 -15.65 0.81
CA ILE A 305 -8.33 -15.52 1.69
C ILE A 305 -8.82 -15.57 3.14
N LEU A 306 -9.84 -14.77 3.45
CA LEU A 306 -10.38 -14.72 4.82
C LEU A 306 -11.07 -16.02 5.24
N LYS A 307 -11.75 -16.69 4.31
CA LYS A 307 -12.41 -17.95 4.65
C LYS A 307 -11.42 -19.09 4.88
N LYS A 308 -10.23 -19.00 4.30
CA LYS A 308 -9.19 -20.00 4.52
C LYS A 308 -8.45 -19.70 5.81
N GLU A 309 -8.06 -18.45 5.98
CA GLU A 309 -7.26 -18.04 7.14
C GLU A 309 -8.03 -18.00 8.46
N THR A 310 -9.29 -17.54 8.42
CA THR A 310 -10.10 -17.44 9.63
C THR A 310 -11.31 -18.38 9.58
N HIS A 311 -11.96 -18.54 10.73
CA HIS A 311 -13.17 -19.35 10.83
C HIS A 311 -14.41 -18.46 10.85
N LEU A 312 -14.22 -17.17 10.60
CA LEU A 312 -15.33 -16.21 10.68
C LEU A 312 -16.08 -16.06 9.35
N PRO A 313 -17.41 -15.83 9.42
CA PRO A 313 -18.17 -15.63 8.19
C PRO A 313 -17.76 -14.36 7.51
N VAL A 314 -17.88 -14.33 6.18
CA VAL A 314 -17.47 -13.18 5.42
C VAL A 314 -18.57 -12.71 4.47
N MET A 315 -18.92 -11.45 4.58
CA MET A 315 -19.93 -10.85 3.72
C MET A 315 -19.31 -9.82 2.80
N VAL A 316 -20.05 -9.45 1.76
CA VAL A 316 -19.60 -8.44 0.83
C VAL A 316 -20.66 -7.36 0.69
N ASP A 317 -20.23 -6.11 0.85
CA ASP A 317 -21.08 -4.94 0.67
C ASP A 317 -20.82 -4.46 -0.75
N VAL A 318 -21.80 -4.68 -1.63
CA VAL A 318 -21.66 -4.31 -3.05
C VAL A 318 -21.99 -2.84 -3.35
N THR A 319 -22.65 -2.16 -2.43
CA THR A 319 -23.01 -0.77 -2.63
C THR A 319 -21.82 0.15 -2.32
N HIS A 320 -21.22 0.00 -1.15
CA HIS A 320 -20.10 0.86 -0.74
C HIS A 320 -18.79 0.59 -1.43
N SER A 321 -18.66 -0.60 -2.00
CA SER A 321 -17.46 -0.95 -2.72
C SER A 321 -17.44 -0.27 -4.07
N THR A 322 -18.44 -0.57 -4.89
CA THR A 322 -18.51 -0.03 -6.24
C THR A 322 -19.01 1.40 -6.29
N GLY A 323 -20.01 1.71 -5.48
CA GLY A 323 -20.64 3.01 -5.48
C GLY A 323 -21.45 3.23 -6.74
N ARG A 324 -21.84 2.14 -7.41
CA ARG A 324 -22.56 2.25 -8.68
C ARG A 324 -23.72 1.29 -8.77
N LYS A 325 -24.90 1.84 -9.05
CA LYS A 325 -26.11 1.05 -9.15
C LYS A 325 -26.01 -0.03 -10.22
N ASP A 326 -25.41 0.29 -11.36
CA ASP A 326 -25.29 -0.69 -12.45
C ASP A 326 -24.30 -1.85 -12.18
N LEU A 327 -23.55 -1.80 -11.08
CA LEU A 327 -22.61 -2.91 -10.77
C LEU A 327 -23.07 -3.76 -9.61
N LEU A 328 -24.19 -3.39 -8.98
CA LEU A 328 -24.70 -4.12 -7.82
C LEU A 328 -24.96 -5.60 -8.11
N LEU A 329 -25.73 -5.89 -9.15
CA LEU A 329 -26.07 -7.28 -9.48
C LEU A 329 -24.85 -8.14 -9.89
N PRO A 330 -24.03 -7.65 -10.84
CA PRO A 330 -22.86 -8.47 -11.20
C PRO A 330 -21.94 -8.74 -10.02
N CYS A 331 -21.66 -7.72 -9.21
CA CYS A 331 -20.79 -7.90 -8.05
C CYS A 331 -21.43 -8.83 -7.01
N ALA A 332 -22.75 -8.75 -6.84
CA ALA A 332 -23.44 -9.67 -5.93
C ALA A 332 -23.28 -11.12 -6.41
N LYS A 333 -23.41 -11.35 -7.72
CA LYS A 333 -23.23 -12.70 -8.29
C LYS A 333 -21.79 -13.21 -8.10
N ALA A 334 -20.80 -12.34 -8.26
CA ALA A 334 -19.41 -12.74 -8.05
C ALA A 334 -19.19 -13.14 -6.60
N ALA A 335 -19.79 -12.35 -5.69
CA ALA A 335 -19.67 -12.61 -4.25
C ALA A 335 -20.25 -13.98 -3.90
N LEU A 336 -21.43 -14.26 -4.43
CA LEU A 336 -22.11 -15.52 -4.18
C LEU A 336 -21.31 -16.69 -4.77
N ALA A 337 -20.77 -16.53 -5.98
CA ALA A 337 -20.02 -17.59 -6.62
C ALA A 337 -18.71 -17.89 -5.91
N ILE A 338 -18.11 -16.87 -5.29
CA ILE A 338 -16.83 -17.06 -4.61
C ILE A 338 -17.05 -17.54 -3.18
N GLU A 339 -18.31 -17.86 -2.88
CA GLU A 339 -18.71 -18.43 -1.60
C GLU A 339 -18.75 -17.47 -0.41
N ALA A 340 -19.11 -16.22 -0.65
CA ALA A 340 -19.34 -15.26 0.45
C ALA A 340 -20.52 -15.81 1.28
N ASP A 341 -20.51 -15.50 2.57
CA ASP A 341 -21.55 -15.93 3.47
C ASP A 341 -22.74 -14.98 3.41
N GLY A 342 -22.57 -13.87 2.72
CA GLY A 342 -23.67 -12.94 2.56
C GLY A 342 -23.33 -11.73 1.73
N VAL A 343 -24.38 -11.00 1.39
CA VAL A 343 -24.27 -9.81 0.58
C VAL A 343 -25.12 -8.70 1.18
N MET A 344 -24.55 -7.49 1.22
N MET A 344 -24.57 -7.48 1.20
CA MET A 344 -25.23 -6.30 1.74
CA MET A 344 -25.25 -6.32 1.71
C MET A 344 -25.40 -5.27 0.62
C MET A 344 -25.40 -5.28 0.60
N ALA A 345 -26.56 -4.64 0.56
CA ALA A 345 -26.82 -3.62 -0.44
C ALA A 345 -27.89 -2.66 0.07
N GLU A 346 -27.88 -1.45 -0.46
CA GLU A 346 -28.77 -0.42 0.02
C GLU A 346 -30.00 -0.20 -0.83
N VAL A 347 -31.12 -0.03 -0.13
CA VAL A 347 -32.42 0.19 -0.72
C VAL A 347 -33.08 1.37 0.02
N HIS A 348 -33.70 2.28 -0.74
CA HIS A 348 -34.35 3.46 -0.18
C HIS A 348 -35.60 3.71 -1.02
N PRO A 349 -36.74 4.05 -0.37
CA PRO A 349 -37.99 4.27 -1.13
C PRO A 349 -37.94 5.37 -2.18
N ASP A 350 -37.13 6.39 -1.95
CA ASP A 350 -37.02 7.51 -2.89
C ASP A 350 -35.59 8.05 -2.84
N PRO A 351 -34.64 7.34 -3.49
CA PRO A 351 -33.24 7.73 -3.45
C PRO A 351 -32.97 9.21 -3.79
N ALA A 352 -33.81 9.81 -4.63
CA ALA A 352 -33.65 11.22 -5.02
C ALA A 352 -33.56 12.18 -3.83
N VAL A 353 -34.27 11.87 -2.75
CA VAL A 353 -34.27 12.73 -1.55
C VAL A 353 -33.41 12.21 -0.40
N ALA A 354 -32.74 11.07 -0.59
CA ALA A 354 -31.90 10.51 0.46
C ALA A 354 -30.84 11.51 0.91
N LEU A 355 -30.52 11.48 2.20
CA LEU A 355 -29.53 12.39 2.77
C LEU A 355 -28.10 11.81 2.67
N SER A 356 -27.97 10.70 1.94
CA SER A 356 -26.68 10.04 1.71
C SER A 356 -26.84 9.00 0.60
N ASP A 357 -25.76 8.76 -0.16
CA ASP A 357 -25.75 7.78 -1.26
C ASP A 357 -26.99 7.82 -2.15
N SER A 358 -27.41 9.01 -2.53
N SER A 358 -27.41 9.01 -2.53
CA SER A 358 -28.60 9.18 -3.36
CA SER A 358 -28.58 9.19 -3.37
C SER A 358 -28.54 8.31 -4.63
C SER A 358 -28.54 8.31 -4.63
N ALA A 359 -27.49 8.49 -5.43
CA ALA A 359 -27.34 7.74 -6.68
C ALA A 359 -27.02 6.23 -6.53
N GLN A 360 -26.54 5.81 -5.37
CA GLN A 360 -26.13 4.42 -5.15
C GLN A 360 -27.22 3.47 -4.67
N GLN A 361 -28.26 4.00 -4.02
CA GLN A 361 -29.30 3.16 -3.46
C GLN A 361 -30.38 2.78 -4.47
N MET A 362 -30.83 1.52 -4.40
CA MET A 362 -31.90 1.04 -5.29
C MET A 362 -33.25 1.48 -4.75
N ASP A 363 -34.15 1.89 -5.63
CA ASP A 363 -35.51 2.19 -5.17
C ASP A 363 -36.23 0.83 -5.07
N ILE A 364 -37.50 0.83 -4.66
CA ILE A 364 -38.25 -0.42 -4.45
C ILE A 364 -38.42 -1.26 -5.72
N PRO A 365 -38.85 -0.64 -6.84
CA PRO A 365 -38.92 -1.43 -8.08
C PRO A 365 -37.54 -2.02 -8.48
N GLU A 366 -36.47 -1.24 -8.32
CA GLU A 366 -35.13 -1.73 -8.67
C GLU A 366 -34.73 -2.89 -7.79
N PHE A 367 -35.10 -2.81 -6.52
CA PHE A 367 -34.83 -3.88 -5.55
C PHE A 367 -35.57 -5.14 -6.00
N GLU A 368 -36.79 -5.01 -6.50
CA GLU A 368 -37.54 -6.17 -6.98
C GLU A 368 -36.81 -6.86 -8.15
N GLU A 369 -36.32 -6.06 -9.11
CA GLU A 369 -35.61 -6.61 -10.27
C GLU A 369 -34.31 -7.28 -9.86
N PHE A 370 -33.59 -6.62 -8.96
CA PHE A 370 -32.34 -7.16 -8.45
C PHE A 370 -32.57 -8.53 -7.83
N TRP A 371 -33.55 -8.61 -6.94
CA TRP A 371 -33.85 -9.84 -6.22
C TRP A 371 -34.29 -10.98 -7.12
N ASN A 372 -35.13 -10.67 -8.09
CA ASN A 372 -35.57 -11.69 -9.05
C ASN A 372 -34.38 -12.30 -9.82
N ALA A 373 -33.40 -11.47 -10.12
CA ALA A 373 -32.21 -11.92 -10.83
C ALA A 373 -31.38 -12.82 -9.92
N ILE A 374 -31.27 -12.44 -8.65
CA ILE A 374 -30.54 -13.25 -7.68
C ILE A 374 -31.18 -14.64 -7.59
N LEU A 375 -32.52 -14.67 -7.47
CA LEU A 375 -33.27 -15.92 -7.41
C LEU A 375 -33.05 -16.79 -8.66
N ALA A 376 -33.08 -16.17 -9.83
CA ALA A 376 -32.91 -16.88 -11.09
C ALA A 376 -31.49 -17.37 -11.36
N SER A 377 -30.51 -16.81 -10.64
CA SER A 377 -29.11 -17.14 -10.87
C SER A 377 -28.69 -18.54 -10.46
N ASN A 378 -29.48 -19.18 -9.60
CA ASN A 378 -29.17 -20.52 -9.09
C ASN A 378 -27.91 -20.50 -8.22
N LEU A 379 -27.49 -19.32 -7.80
CA LEU A 379 -26.31 -19.17 -6.95
C LEU A 379 -26.71 -19.32 -5.48
N VAL A 380 -28.01 -19.19 -5.19
CA VAL A 380 -28.53 -19.32 -3.83
C VAL A 380 -29.23 -20.67 -3.65
N ASN B 29 13.63 -18.45 44.47
CA ASN B 29 14.93 -18.40 43.74
C ASN B 29 14.75 -17.89 42.31
N LEU B 30 14.19 -16.68 42.19
CA LEU B 30 14.00 -16.04 40.90
C LEU B 30 15.36 -15.63 40.31
N GLU B 31 16.28 -15.19 41.18
CA GLU B 31 17.62 -14.80 40.75
C GLU B 31 18.42 -15.98 40.23
N GLU B 32 18.13 -17.18 40.74
CA GLU B 32 18.82 -18.39 40.31
C GLU B 32 18.30 -18.85 38.95
N LEU B 33 17.01 -18.63 38.69
CA LEU B 33 16.41 -18.97 37.40
C LEU B 33 17.02 -18.07 36.32
N ARG B 34 17.13 -16.79 36.62
CA ARG B 34 17.74 -15.83 35.70
C ARG B 34 19.21 -16.13 35.45
N THR B 35 19.91 -16.60 36.49
CA THR B 35 21.32 -16.96 36.39
C THR B 35 21.48 -18.08 35.36
N GLN B 36 20.64 -19.10 35.46
CA GLN B 36 20.66 -20.22 34.52
C GLN B 36 20.32 -19.78 33.10
N VAL B 37 19.36 -18.87 32.95
CA VAL B 37 19.00 -18.36 31.62
C VAL B 37 20.26 -17.71 31.02
N ASP B 38 20.90 -16.86 31.82
CA ASP B 38 22.14 -16.19 31.43
C ASP B 38 23.21 -17.20 31.01
N GLN B 39 23.29 -18.31 31.75
CA GLN B 39 24.27 -19.35 31.45
C GLN B 39 23.92 -20.02 30.12
N LEU B 40 22.63 -20.26 29.90
CA LEU B 40 22.17 -20.86 28.64
C LEU B 40 22.39 -19.89 27.49
N ASN B 41 22.18 -18.59 27.73
CA ASN B 41 22.46 -17.58 26.71
C ASN B 41 23.91 -17.71 26.22
N ILE B 42 24.84 -17.86 27.18
CA ILE B 42 26.25 -18.03 26.84
C ILE B 42 26.46 -19.35 26.11
N ASP B 43 25.80 -20.42 26.58
CA ASP B 43 25.92 -21.73 25.94
C ASP B 43 25.48 -21.68 24.48
N LEU B 44 24.38 -20.98 24.20
CA LEU B 44 23.89 -20.82 22.83
C LEU B 44 24.88 -20.06 21.98
N LEU B 45 25.50 -19.02 22.54
CA LEU B 45 26.50 -18.24 21.81
C LEU B 45 27.64 -19.17 21.39
N GLU B 46 28.05 -20.05 22.31
CA GLU B 46 29.12 -21.00 22.05
C GLU B 46 28.74 -21.99 20.94
N LEU B 47 27.58 -22.64 21.10
CA LEU B 47 27.10 -23.61 20.11
C LEU B 47 26.92 -23.00 18.73
N ILE B 48 26.30 -21.82 18.68
CA ILE B 48 26.08 -21.12 17.41
C ILE B 48 27.39 -20.74 16.73
N SER B 49 28.34 -20.23 17.52
CA SER B 49 29.65 -19.82 16.99
C SER B 49 30.49 -21.01 16.55
N LYS B 50 30.47 -22.08 17.34
CA LYS B 50 31.22 -23.30 17.00
C LYS B 50 30.65 -23.91 15.72
N ARG B 51 29.32 -23.93 15.62
CA ARG B 51 28.65 -24.47 14.44
C ARG B 51 28.95 -23.60 13.22
N ALA B 52 28.76 -22.29 13.38
CA ALA B 52 29.00 -21.33 12.29
C ALA B 52 30.36 -21.54 11.63
N ASN B 53 31.39 -21.79 12.45
CA ASN B 53 32.75 -22.02 11.93
C ASN B 53 32.80 -23.26 11.04
N LEU B 54 32.33 -24.39 11.57
CA LEU B 54 32.30 -25.64 10.82
C LEU B 54 31.54 -25.52 9.51
N VAL B 55 30.38 -24.85 9.54
CA VAL B 55 29.57 -24.65 8.33
C VAL B 55 30.19 -23.58 7.44
N GLN B 56 31.38 -23.86 6.92
CA GLN B 56 32.09 -22.91 6.06
C GLN B 56 33.35 -23.55 5.44
N GLU B 75 19.59 -28.95 1.30
CA GLU B 75 19.71 -27.80 2.19
C GLU B 75 18.66 -27.83 3.29
N ARG B 76 17.45 -28.25 2.95
CA ARG B 76 16.35 -28.37 3.93
C ARG B 76 16.42 -29.73 4.64
N GLU B 77 17.54 -30.42 4.47
CA GLU B 77 17.80 -31.71 5.12
C GLU B 77 17.83 -31.57 6.63
N MET B 78 18.36 -30.45 7.10
CA MET B 78 18.51 -30.18 8.53
C MET B 78 17.18 -29.92 9.21
N LEU B 79 16.32 -29.13 8.56
CA LEU B 79 15.00 -28.80 9.13
C LEU B 79 14.17 -30.05 9.44
N ASN B 80 14.24 -31.04 8.55
CA ASN B 80 13.50 -32.29 8.74
C ASN B 80 13.96 -33.03 10.00
N THR B 81 15.27 -33.12 10.18
CA THR B 81 15.85 -33.81 11.34
C THR B 81 15.59 -33.03 12.64
N ILE B 82 15.71 -31.71 12.57
CA ILE B 82 15.46 -30.85 13.75
C ILE B 82 14.03 -30.98 14.22
N LEU B 83 13.08 -30.83 13.30
CA LEU B 83 11.65 -30.93 13.64
C LEU B 83 11.25 -32.31 14.13
N ALA B 84 12.00 -33.34 13.75
CA ALA B 84 11.73 -34.71 14.20
C ALA B 84 12.11 -34.88 15.68
N ALA B 85 13.06 -34.09 16.15
CA ALA B 85 13.52 -34.15 17.54
C ALA B 85 12.81 -33.13 18.45
N ASN B 86 11.87 -32.37 17.89
CA ASN B 86 11.15 -31.34 18.65
C ASN B 86 10.18 -31.93 19.68
N GLU B 87 10.51 -31.73 20.96
N GLU B 87 10.50 -31.74 20.96
CA GLU B 87 9.68 -32.23 22.06
CA GLU B 87 9.65 -32.23 22.05
C GLU B 87 9.02 -31.07 22.81
C GLU B 87 9.02 -31.07 22.81
N GLY B 88 8.80 -29.95 22.12
CA GLY B 88 8.21 -28.76 22.73
C GLY B 88 9.29 -27.92 23.42
N PRO B 89 8.91 -26.76 23.96
CA PRO B 89 7.58 -26.17 23.99
C PRO B 89 7.14 -25.42 22.73
N PHE B 90 8.07 -25.17 21.80
CA PHE B 90 7.71 -24.44 20.58
C PHE B 90 7.05 -25.33 19.55
N GLU B 91 6.35 -24.69 18.63
CA GLU B 91 5.69 -25.36 17.52
C GLU B 91 6.72 -25.50 16.40
N ASP B 92 6.59 -26.55 15.59
CA ASP B 92 7.54 -26.79 14.48
C ASP B 92 7.78 -25.55 13.61
N SER B 93 6.71 -24.82 13.30
CA SER B 93 6.82 -23.61 12.48
C SER B 93 7.73 -22.56 13.10
N THR B 94 7.65 -22.42 14.42
CA THR B 94 8.49 -21.47 15.16
C THR B 94 9.94 -21.96 15.20
N VAL B 95 10.12 -23.25 15.53
CA VAL B 95 11.45 -23.85 15.55
C VAL B 95 12.09 -23.69 14.17
N GLN B 96 11.32 -23.99 13.13
CA GLN B 96 11.79 -23.85 11.76
C GLN B 96 12.22 -22.41 11.48
N LYS B 97 11.40 -21.45 11.87
CA LYS B 97 11.70 -20.03 11.66
C LYS B 97 12.98 -19.59 12.39
N LEU B 98 13.19 -20.10 13.60
CA LEU B 98 14.40 -19.75 14.37
C LEU B 98 15.66 -20.29 13.69
N PHE B 99 15.63 -21.55 13.29
CA PHE B 99 16.80 -22.15 12.62
C PHE B 99 17.11 -21.52 11.26
N LYS B 100 16.07 -21.14 10.50
CA LYS B 100 16.28 -20.49 9.22
C LYS B 100 17.03 -19.17 9.42
N GLU B 101 16.68 -18.46 10.48
CA GLU B 101 17.32 -17.19 10.81
C GLU B 101 18.79 -17.46 11.19
N ILE B 102 19.02 -18.56 11.91
CA ILE B 102 20.38 -18.96 12.30
C ILE B 102 21.21 -19.33 11.07
N PHE B 103 20.60 -20.05 10.11
CA PHE B 103 21.33 -20.44 8.90
C PHE B 103 21.61 -19.21 8.04
N LYS B 104 20.65 -18.29 7.99
CA LYS B 104 20.79 -17.06 7.23
C LYS B 104 22.00 -16.26 7.73
N ALA B 105 22.20 -16.25 9.04
CA ALA B 105 23.31 -15.54 9.68
C ALA B 105 24.65 -15.96 9.08
N GLY B 106 24.80 -17.26 8.81
CA GLY B 106 26.03 -17.81 8.22
C GLY B 106 26.60 -16.99 7.08
N LEU B 107 25.73 -16.24 6.40
CA LEU B 107 26.14 -15.37 5.30
C LEU B 107 26.74 -14.08 5.84
N HIS B 114 32.07 -11.52 -3.13
CA HIS B 114 31.12 -11.67 -4.23
C HIS B 114 31.21 -10.55 -5.22
N SER B 115 30.69 -10.80 -6.42
CA SER B 115 30.69 -9.81 -7.49
C SER B 115 29.46 -10.00 -8.39
N LYS B 116 28.32 -10.29 -7.77
CA LYS B 116 27.05 -10.44 -8.48
C LYS B 116 26.23 -9.16 -8.34
N ALA B 117 26.89 -8.06 -8.04
CA ALA B 117 26.22 -6.78 -7.86
C ALA B 117 25.82 -6.20 -9.22
N LEU B 118 24.65 -5.60 -9.27
CA LEU B 118 24.16 -4.98 -10.49
C LEU B 118 25.16 -3.91 -10.94
N LEU B 119 25.31 -3.75 -12.25
CA LEU B 119 26.23 -2.74 -12.78
C LEU B 119 25.86 -1.33 -12.30
N VAL B 120 24.57 -1.07 -12.11
CA VAL B 120 24.13 0.26 -11.64
C VAL B 120 24.27 0.49 -10.13
N SER B 121 24.62 -0.55 -9.36
CA SER B 121 24.71 -0.41 -7.89
C SER B 121 26.04 0.15 -7.42
N ARG B 122 26.04 0.81 -6.27
CA ARG B 122 27.29 1.31 -5.70
C ARG B 122 28.18 0.15 -5.28
N LYS B 123 27.58 -1.02 -5.07
CA LYS B 123 28.38 -2.21 -4.74
C LYS B 123 29.32 -2.57 -5.90
N ASN B 124 28.91 -2.24 -7.13
CA ASN B 124 29.73 -2.47 -8.33
C ASN B 124 30.73 -1.32 -8.51
N LYS B 125 30.21 -0.09 -8.51
CA LYS B 125 31.04 1.10 -8.68
C LYS B 125 30.66 2.10 -7.59
N LYS B 126 31.59 2.33 -6.66
CA LYS B 126 31.34 3.24 -5.53
C LYS B 126 31.31 4.71 -5.93
N GLU B 127 32.14 5.09 -6.89
CA GLU B 127 32.23 6.48 -7.34
C GLU B 127 30.98 6.92 -8.11
N ASP B 128 30.57 8.18 -7.93
CA ASP B 128 29.40 8.73 -8.63
C ASP B 128 29.60 8.76 -10.14
N THR B 129 28.55 8.45 -10.89
CA THR B 129 28.62 8.58 -12.34
C THR B 129 28.24 10.02 -12.67
N ILE B 130 29.05 10.66 -13.51
CA ILE B 130 28.82 12.03 -13.93
C ILE B 130 28.52 12.00 -15.42
N VAL B 131 27.40 12.59 -15.82
CA VAL B 131 26.99 12.61 -17.22
C VAL B 131 27.07 14.03 -17.71
N THR B 132 28.02 14.31 -18.60
CA THR B 132 28.21 15.66 -19.10
C THR B 132 27.43 15.90 -20.37
N VAL B 133 26.64 16.96 -20.37
CA VAL B 133 25.80 17.29 -21.50
C VAL B 133 26.01 18.76 -21.82
N LYS B 134 26.49 19.04 -23.02
CA LYS B 134 26.72 20.40 -23.46
C LYS B 134 27.57 21.14 -22.43
N GLY B 135 28.60 20.47 -21.92
CA GLY B 135 29.50 21.06 -20.94
C GLY B 135 29.13 20.98 -19.47
N LEU B 136 27.90 20.59 -19.15
CA LEU B 136 27.43 20.49 -17.76
C LEU B 136 27.59 19.10 -17.21
N PRO B 137 28.35 18.96 -16.11
CA PRO B 137 28.54 17.66 -15.49
C PRO B 137 27.39 17.29 -14.53
N ILE B 138 26.37 16.65 -15.08
CA ILE B 138 25.22 16.23 -14.28
C ILE B 138 25.62 15.10 -13.34
N GLY B 139 25.51 15.34 -12.03
CA GLY B 139 25.86 14.36 -11.01
C GLY B 139 27.11 14.69 -10.21
N ASN B 140 27.72 15.84 -10.48
CA ASN B 140 28.96 16.27 -9.81
C ASN B 140 28.77 16.96 -8.45
N GLY B 141 27.54 17.36 -8.14
CA GLY B 141 27.28 18.07 -6.88
C GLY B 141 26.53 19.37 -7.09
N GLU B 142 26.66 19.99 -8.27
CA GLU B 142 25.95 21.22 -8.57
CA GLU B 142 25.92 21.22 -8.55
C GLU B 142 24.71 20.89 -9.42
N PRO B 143 23.50 21.19 -8.90
CA PRO B 143 22.28 20.83 -9.64
C PRO B 143 22.11 21.52 -11.00
N VAL B 144 21.50 20.81 -11.93
CA VAL B 144 21.23 21.36 -13.25
C VAL B 144 19.73 21.56 -13.39
N PHE B 145 19.32 22.44 -14.29
CA PHE B 145 17.92 22.69 -14.54
C PHE B 145 17.59 22.48 -16.01
N VAL B 146 16.47 21.80 -16.26
CA VAL B 146 16.04 21.52 -17.61
C VAL B 146 14.64 22.06 -17.78
N PHE B 147 14.52 23.11 -18.57
CA PHE B 147 13.22 23.72 -18.85
C PHE B 147 12.89 23.55 -20.32
N GLY B 148 11.62 23.72 -20.67
CA GLY B 148 11.19 23.62 -22.05
C GLY B 148 9.74 23.18 -22.14
N PRO B 149 9.17 23.25 -23.34
CA PRO B 149 7.77 22.87 -23.46
C PRO B 149 7.51 21.38 -23.38
N CYS B 150 6.26 21.05 -23.08
CA CYS B 150 5.83 19.67 -23.01
C CYS B 150 5.93 19.07 -24.41
N SER B 151 5.32 19.72 -25.40
CA SER B 151 5.40 19.28 -26.79
C SER B 151 6.07 20.30 -27.69
N VAL B 152 6.78 19.83 -28.71
CA VAL B 152 7.32 20.72 -29.74
C VAL B 152 6.14 20.98 -30.67
N GLU B 153 5.72 22.23 -30.76
CA GLU B 153 4.58 22.60 -31.61
C GLU B 153 5.04 23.35 -32.87
N SER B 154 6.10 24.14 -32.76
CA SER B 154 6.66 24.87 -33.90
C SER B 154 8.03 25.41 -33.52
N TYR B 155 8.81 25.78 -34.54
CA TYR B 155 10.11 26.37 -34.32
C TYR B 155 10.02 27.64 -33.47
N GLU B 156 9.08 28.51 -33.82
CA GLU B 156 8.91 29.78 -33.12
C GLU B 156 8.60 29.60 -31.63
N GLN B 157 7.72 28.65 -31.33
CA GLN B 157 7.36 28.32 -29.96
C GLN B 157 8.60 27.89 -29.17
N VAL B 158 9.34 26.92 -29.69
CA VAL B 158 10.53 26.40 -28.99
C VAL B 158 11.62 27.46 -28.86
N ALA B 159 11.83 28.25 -29.93
CA ALA B 159 12.83 29.32 -29.92
C ALA B 159 12.57 30.35 -28.83
N ALA B 160 11.30 30.72 -28.63
CA ALA B 160 10.92 31.68 -27.58
C ALA B 160 11.34 31.18 -26.21
N VAL B 161 11.10 29.90 -25.94
CA VAL B 161 11.51 29.31 -24.67
C VAL B 161 13.03 29.27 -24.60
N ALA B 162 13.66 28.84 -25.69
CA ALA B 162 15.13 28.75 -25.75
C ALA B 162 15.78 30.11 -25.44
N GLU B 163 15.19 31.18 -25.96
CA GLU B 163 15.71 32.52 -25.71
C GLU B 163 15.67 32.82 -24.21
N SER B 164 14.59 32.43 -23.54
CA SER B 164 14.44 32.68 -22.11
C SER B 164 15.38 31.81 -21.27
N ILE B 165 15.70 30.61 -21.75
CA ILE B 165 16.63 29.71 -21.05
C ILE B 165 18.05 30.28 -21.19
N LYS B 166 18.39 30.70 -22.41
CA LYS B 166 19.71 31.26 -22.70
C LYS B 166 19.97 32.52 -21.89
N ALA B 167 18.98 33.40 -21.80
CA ALA B 167 19.12 34.65 -21.05
C ALA B 167 19.47 34.43 -19.57
N LYS B 168 19.10 33.28 -19.02
CA LYS B 168 19.39 32.96 -17.62
C LYS B 168 20.72 32.26 -17.44
N GLY B 169 21.45 32.06 -18.53
CA GLY B 169 22.74 31.37 -18.47
C GLY B 169 22.61 29.85 -18.38
N LEU B 170 21.43 29.33 -18.71
CA LEU B 170 21.18 27.88 -18.65
C LEU B 170 21.60 27.23 -19.97
N LYS B 171 21.79 25.91 -19.95
CA LYS B 171 22.35 25.21 -21.11
C LYS B 171 21.56 24.04 -21.65
N LEU B 172 20.45 23.69 -21.03
CA LEU B 172 19.67 22.55 -21.47
C LEU B 172 18.25 22.94 -21.80
N ILE B 173 17.62 22.18 -22.69
CA ILE B 173 16.24 22.38 -23.07
C ILE B 173 15.58 21.02 -23.35
N ARG B 174 14.35 20.86 -22.87
CA ARG B 174 13.53 19.67 -23.12
C ARG B 174 12.44 20.03 -24.11
N GLY B 175 11.94 19.03 -24.83
CA GLY B 175 10.85 19.21 -25.77
C GLY B 175 10.46 17.88 -26.35
N GLY B 176 9.17 17.54 -26.31
CA GLY B 176 8.66 16.29 -26.85
C GLY B 176 8.26 16.32 -28.33
N ALA B 177 8.95 15.53 -29.14
CA ALA B 177 8.65 15.39 -30.56
C ALA B 177 7.67 14.24 -30.73
N PHE B 178 7.78 13.27 -29.83
CA PHE B 178 6.93 12.11 -29.77
C PHE B 178 6.26 12.16 -28.41
N LYS B 179 4.94 12.28 -28.41
CA LYS B 179 4.15 12.40 -27.18
C LYS B 179 3.24 11.19 -26.93
N PRO B 180 3.56 10.38 -25.90
CA PRO B 180 2.64 9.28 -25.55
C PRO B 180 1.38 9.89 -24.95
N ARG B 181 0.23 9.67 -25.59
CA ARG B 181 -1.05 10.21 -25.11
C ARG B 181 -2.01 9.07 -24.77
N THR B 182 -2.85 9.30 -23.76
CA THR B 182 -3.87 8.35 -23.34
C THR B 182 -4.81 7.99 -24.48
N SER B 183 -5.20 9.00 -25.26
CA SER B 183 -6.09 8.83 -26.42
C SER B 183 -5.34 9.02 -27.75
N PRO B 184 -5.63 8.16 -28.74
CA PRO B 184 -4.99 8.30 -30.06
C PRO B 184 -5.46 9.56 -30.79
N TYR B 185 -6.53 10.19 -30.33
CA TYR B 185 -7.06 11.41 -30.98
C TYR B 185 -6.44 12.71 -30.43
N ASP B 186 -5.56 12.60 -29.44
CA ASP B 186 -4.84 13.77 -28.94
C ASP B 186 -3.52 13.91 -29.70
N PHE B 187 -2.95 15.11 -29.68
CA PHE B 187 -1.70 15.41 -30.40
C PHE B 187 -0.60 14.42 -30.05
N GLN B 188 -0.16 13.69 -31.07
CA GLN B 188 0.84 12.64 -30.94
C GLN B 188 2.30 13.15 -31.07
N GLY B 189 2.45 14.41 -31.45
CA GLY B 189 3.78 15.00 -31.63
C GLY B 189 4.11 15.15 -33.10
N LEU B 190 5.13 15.94 -33.41
CA LEU B 190 5.52 16.17 -34.81
C LEU B 190 6.44 15.07 -35.35
N GLY B 191 7.02 14.27 -34.45
CA GLY B 191 7.90 13.20 -34.86
C GLY B 191 9.28 13.69 -35.25
N LEU B 192 9.83 13.08 -36.29
CA LEU B 192 11.15 13.44 -36.77
C LEU B 192 11.27 14.94 -37.05
N GLU B 193 10.20 15.55 -37.56
CA GLU B 193 10.22 16.99 -37.83
C GLU B 193 10.47 17.78 -36.56
N GLY B 194 9.89 17.33 -35.45
CA GLY B 194 10.11 17.96 -34.15
C GLY B 194 11.55 17.82 -33.70
N LEU B 195 12.16 16.67 -33.94
CA LEU B 195 13.57 16.49 -33.59
C LEU B 195 14.46 17.44 -34.40
N LYS B 196 14.11 17.66 -35.66
CA LYS B 196 14.87 18.56 -36.52
C LYS B 196 14.74 19.98 -36.02
N ILE B 197 13.55 20.34 -35.53
CA ILE B 197 13.34 21.66 -34.94
C ILE B 197 14.22 21.83 -33.71
N LEU B 198 14.23 20.81 -32.85
CA LEU B 198 15.05 20.86 -31.65
C LEU B 198 16.53 20.99 -32.00
N LYS B 199 16.98 20.26 -33.02
CA LYS B 199 18.38 20.34 -33.44
CA LYS B 199 18.38 20.34 -33.46
C LYS B 199 18.70 21.77 -33.93
N ARG B 200 17.79 22.36 -34.69
CA ARG B 200 17.99 23.73 -35.16
C ARG B 200 18.15 24.65 -33.97
N VAL B 201 17.25 24.53 -33.00
CA VAL B 201 17.30 25.37 -31.81
C VAL B 201 18.60 25.15 -31.03
N SER B 202 19.01 23.89 -30.90
CA SER B 202 20.26 23.56 -30.22
C SER B 202 21.45 24.26 -30.88
N ASP B 203 21.49 24.21 -32.21
CA ASP B 203 22.58 24.86 -32.96
C ASP B 203 22.55 26.37 -32.79
N GLU B 204 21.37 26.98 -32.87
CA GLU B 204 21.22 28.43 -32.78
C GLU B 204 21.46 29.03 -31.38
N TYR B 205 20.88 28.42 -30.35
CA TYR B 205 20.94 28.96 -29.01
C TYR B 205 22.00 28.31 -28.11
N GLY B 206 22.68 27.26 -28.59
CA GLY B 206 23.73 26.58 -27.81
C GLY B 206 23.25 25.74 -26.64
N LEU B 207 22.09 25.11 -26.78
CA LEU B 207 21.51 24.34 -25.69
C LEU B 207 21.49 22.85 -26.00
N GLY B 208 21.75 22.03 -24.98
CA GLY B 208 21.68 20.59 -25.11
C GLY B 208 20.23 20.16 -25.05
N VAL B 209 19.83 19.30 -25.99
CA VAL B 209 18.45 18.87 -26.14
C VAL B 209 18.14 17.51 -25.51
N ILE B 210 17.07 17.48 -24.71
CA ILE B 210 16.56 16.27 -24.07
C ILE B 210 15.18 16.00 -24.68
N SER B 211 15.00 14.85 -25.32
CA SER B 211 13.72 14.56 -25.96
C SER B 211 13.39 13.07 -25.90
N GLU B 212 12.10 12.77 -25.80
CA GLU B 212 11.65 11.40 -25.64
C GLU B 212 11.64 10.60 -26.93
N ILE B 213 12.16 9.37 -26.86
CA ILE B 213 12.14 8.43 -27.97
C ILE B 213 11.20 7.29 -27.53
N VAL B 214 10.24 6.91 -28.39
CA VAL B 214 9.19 5.94 -28.00
C VAL B 214 9.27 4.52 -28.59
N THR B 215 10.18 4.25 -29.50
CA THR B 215 10.28 2.91 -30.09
C THR B 215 11.75 2.62 -30.46
N PRO B 216 12.19 1.34 -30.36
CA PRO B 216 13.60 0.99 -30.60
C PRO B 216 14.20 1.45 -31.92
N ALA B 217 13.41 1.43 -32.99
CA ALA B 217 13.87 1.83 -34.33
C ALA B 217 14.26 3.31 -34.40
N ASP B 218 13.67 4.14 -33.54
CA ASP B 218 13.96 5.57 -33.52
C ASP B 218 15.20 5.95 -32.72
N ILE B 219 15.78 5.00 -31.99
CA ILE B 219 16.96 5.32 -31.17
C ILE B 219 18.12 5.78 -32.06
N GLU B 220 18.45 4.99 -33.08
CA GLU B 220 19.55 5.32 -34.00
C GLU B 220 19.30 6.65 -34.67
N VAL B 221 18.09 6.83 -35.16
CA VAL B 221 17.67 8.07 -35.80
C VAL B 221 17.85 9.29 -34.90
N ALA B 222 17.54 9.12 -33.62
CA ALA B 222 17.60 10.22 -32.66
C ALA B 222 19.02 10.73 -32.41
N LEU B 223 20.01 9.85 -32.56
CA LEU B 223 21.41 10.21 -32.28
C LEU B 223 21.89 11.46 -32.99
N ASP B 224 21.37 11.70 -34.18
CA ASP B 224 21.78 12.89 -34.96
C ASP B 224 21.13 14.18 -34.51
N TYR B 225 20.11 14.10 -33.65
CA TYR B 225 19.36 15.29 -33.27
C TYR B 225 19.33 15.68 -31.81
N VAL B 226 19.48 14.71 -30.91
CA VAL B 226 19.36 15.02 -29.49
C VAL B 226 20.66 14.79 -28.76
N ASP B 227 20.76 15.40 -27.59
CA ASP B 227 21.93 15.27 -26.73
C ASP B 227 21.66 14.25 -25.61
N VAL B 228 20.39 14.06 -25.29
CA VAL B 228 19.99 13.07 -24.30
C VAL B 228 18.70 12.42 -24.76
N ILE B 229 18.69 11.09 -24.74
CA ILE B 229 17.49 10.38 -25.09
C ILE B 229 16.65 10.14 -23.84
N GLN B 230 15.40 10.60 -23.88
CA GLN B 230 14.50 10.37 -22.75
C GLN B 230 13.60 9.15 -23.01
N ILE B 231 13.49 8.30 -22.00
CA ILE B 231 12.60 7.13 -21.99
C ILE B 231 11.52 7.50 -20.97
N GLY B 232 10.29 7.68 -21.46
CA GLY B 232 9.16 8.10 -20.64
C GLY B 232 8.63 7.06 -19.66
N ALA B 233 7.88 7.55 -18.69
CA ALA B 233 7.30 6.74 -17.62
C ALA B 233 6.51 5.52 -18.15
N ARG B 234 5.68 5.74 -19.17
CA ARG B 234 4.88 4.66 -19.76
C ARG B 234 5.73 3.59 -20.47
N ASN B 235 6.97 3.93 -20.81
CA ASN B 235 7.89 2.99 -21.46
C ASN B 235 9.01 2.49 -20.54
N MET B 236 8.93 2.72 -19.24
CA MET B 236 10.03 2.30 -18.35
C MET B 236 10.22 0.79 -18.41
N GLN B 237 9.16 0.06 -18.73
CA GLN B 237 9.26 -1.40 -18.88
C GLN B 237 9.05 -1.89 -20.33
N ASN B 238 9.33 -1.00 -21.30
CA ASN B 238 9.38 -1.34 -22.72
C ASN B 238 10.82 -1.86 -22.85
N PHE B 239 11.00 -3.14 -22.51
CA PHE B 239 12.35 -3.68 -22.40
C PHE B 239 13.20 -3.65 -23.67
N GLU B 240 12.59 -3.86 -24.83
CA GLU B 240 13.35 -3.79 -26.08
C GLU B 240 13.84 -2.37 -26.33
N LEU B 241 13.05 -1.36 -25.92
CA LEU B 241 13.45 0.04 -26.06
C LEU B 241 14.64 0.30 -25.16
N LEU B 242 14.59 -0.22 -23.93
CA LEU B 242 15.68 -0.10 -22.98
C LEU B 242 16.97 -0.73 -23.54
N LYS B 243 16.85 -1.91 -24.14
CA LYS B 243 18.03 -2.58 -24.68
C LYS B 243 18.62 -1.77 -25.82
N ALA B 244 17.75 -1.19 -26.65
CA ALA B 244 18.21 -0.37 -27.77
C ALA B 244 18.97 0.85 -27.27
N ALA B 245 18.42 1.51 -26.24
CA ALA B 245 19.07 2.65 -25.62
C ALA B 245 20.41 2.24 -25.00
N GLY B 246 20.52 0.99 -24.56
CA GLY B 246 21.76 0.50 -23.96
C GLY B 246 22.87 0.21 -24.95
N ARG B 247 22.52 0.06 -26.23
CA ARG B 247 23.48 -0.23 -27.29
C ARG B 247 24.07 0.99 -27.98
N VAL B 248 23.61 2.19 -27.65
CA VAL B 248 24.16 3.41 -28.26
C VAL B 248 25.00 4.17 -27.25
N ASP B 249 25.88 5.03 -27.74
CA ASP B 249 26.73 5.86 -26.90
C ASP B 249 26.07 7.22 -26.84
N LYS B 250 25.10 7.36 -25.95
CA LYS B 250 24.35 8.61 -25.78
C LYS B 250 23.69 8.58 -24.41
N PRO B 251 23.71 9.71 -23.70
CA PRO B 251 23.05 9.70 -22.39
C PRO B 251 21.57 9.41 -22.49
N ILE B 252 21.07 8.70 -21.49
CA ILE B 252 19.65 8.36 -21.41
C ILE B 252 19.04 8.95 -20.12
N LEU B 253 17.91 9.65 -20.24
CA LEU B 253 17.16 10.14 -19.08
C LEU B 253 15.99 9.14 -18.91
N LEU B 254 16.10 8.27 -17.92
CA LEU B 254 15.10 7.24 -17.67
C LEU B 254 14.11 7.69 -16.61
N LYS B 255 12.87 7.85 -17.02
CA LYS B 255 11.80 8.21 -16.10
C LYS B 255 11.19 7.02 -15.38
N ARG B 256 10.91 7.18 -14.10
CA ARG B 256 10.27 6.14 -13.32
C ARG B 256 8.86 5.88 -13.84
N GLY B 257 8.50 4.61 -13.91
CA GLY B 257 7.16 4.20 -14.36
C GLY B 257 6.05 4.76 -13.48
N LEU B 258 4.85 4.90 -14.05
CA LEU B 258 3.68 5.45 -13.35
C LEU B 258 3.47 4.85 -11.97
N SER B 259 3.69 3.54 -11.85
N SER B 259 3.68 3.53 -11.85
CA SER B 259 3.54 2.84 -10.58
CA SER B 259 3.55 2.85 -10.58
C SER B 259 4.71 1.88 -10.37
C SER B 259 4.71 1.88 -10.37
N ALA B 260 5.90 2.25 -10.83
CA ALA B 260 7.07 1.38 -10.69
C ALA B 260 7.65 1.41 -9.30
N THR B 261 8.12 0.26 -8.82
CA THR B 261 8.80 0.22 -7.56
C THR B 261 10.26 0.66 -7.79
N ILE B 262 10.94 0.97 -6.69
CA ILE B 262 12.35 1.33 -6.73
C ILE B 262 13.14 0.19 -7.37
N GLU B 263 12.81 -1.05 -6.99
CA GLU B 263 13.47 -2.24 -7.52
C GLU B 263 13.28 -2.35 -9.04
N GLU B 264 12.07 -2.09 -9.50
CA GLU B 264 11.79 -2.15 -10.94
C GLU B 264 12.54 -1.06 -11.68
N PHE B 265 12.63 0.12 -11.06
CA PHE B 265 13.30 1.30 -11.64
C PHE B 265 14.78 0.99 -11.81
N ILE B 266 15.36 0.39 -10.78
CA ILE B 266 16.74 -0.01 -10.81
C ILE B 266 16.98 -1.10 -11.87
N GLY B 267 16.05 -2.05 -11.95
CA GLY B 267 16.12 -3.14 -12.92
C GLY B 267 16.12 -2.60 -14.33
N ALA B 268 15.24 -1.64 -14.58
CA ALA B 268 15.14 -1.00 -15.87
C ALA B 268 16.46 -0.32 -16.25
N ALA B 269 17.04 0.39 -15.29
CA ALA B 269 18.35 1.02 -15.54
C ALA B 269 19.39 -0.05 -15.86
N GLU B 270 19.29 -1.20 -15.20
CA GLU B 270 20.23 -2.29 -15.44
C GLU B 270 20.08 -2.87 -16.87
N TYR B 271 18.86 -2.96 -17.40
CA TYR B 271 18.67 -3.39 -18.79
C TYR B 271 19.55 -2.56 -19.72
N ILE B 272 19.57 -1.25 -19.47
CA ILE B 272 20.33 -0.33 -20.29
C ILE B 272 21.85 -0.52 -20.12
N MET B 273 22.29 -0.45 -18.88
CA MET B 273 23.72 -0.58 -18.60
C MET B 273 24.31 -1.93 -18.98
N SER B 274 23.52 -3.00 -18.89
CA SER B 274 24.03 -4.34 -19.24
C SER B 274 24.38 -4.48 -20.73
N GLN B 275 23.82 -3.61 -21.56
CA GLN B 275 24.11 -3.59 -23.00
C GLN B 275 25.38 -2.78 -23.29
N GLY B 276 25.86 -2.02 -22.29
CA GLY B 276 27.11 -1.27 -22.41
C GLY B 276 27.04 0.21 -22.11
N ASN B 277 25.84 0.80 -22.19
CA ASN B 277 25.69 2.24 -21.94
C ASN B 277 25.46 2.57 -20.46
N GLY B 278 26.48 3.13 -19.81
CA GLY B 278 26.41 3.52 -18.41
C GLY B 278 26.05 4.98 -18.13
N LYS B 279 25.76 5.73 -19.20
CA LYS B 279 25.41 7.16 -19.10
C LYS B 279 23.90 7.31 -18.90
N ILE B 280 23.47 6.97 -17.70
CA ILE B 280 22.06 6.98 -17.34
C ILE B 280 21.77 7.96 -16.21
N ILE B 281 20.77 8.80 -16.45
CA ILE B 281 20.27 9.73 -15.48
C ILE B 281 18.87 9.24 -15.11
N LEU B 282 18.63 9.02 -13.82
CA LEU B 282 17.33 8.59 -13.33
C LEU B 282 16.45 9.78 -13.03
N CYS B 283 15.16 9.69 -13.34
CA CYS B 283 14.25 10.82 -13.08
C CYS B 283 12.97 10.43 -12.33
N GLU B 284 12.82 10.95 -11.12
CA GLU B 284 11.61 10.80 -10.31
C GLU B 284 10.61 11.82 -10.88
N ARG B 285 9.39 11.35 -11.15
CA ARG B 285 8.34 12.19 -11.76
C ARG B 285 6.95 11.95 -11.14
N GLY B 286 6.93 11.39 -9.93
CA GLY B 286 5.70 11.13 -9.19
C GLY B 286 5.16 9.74 -9.45
N ILE B 287 4.45 9.18 -8.48
CA ILE B 287 3.86 7.87 -8.60
C ILE B 287 2.35 7.96 -8.48
N ARG B 288 1.67 7.00 -9.10
CA ARG B 288 0.23 7.00 -9.12
C ARG B 288 -0.35 6.55 -7.78
N THR B 289 -1.26 7.36 -7.24
CA THR B 289 -1.91 7.07 -5.96
C THR B 289 -3.38 7.48 -6.03
N TYR B 290 -4.10 7.26 -4.92
CA TYR B 290 -5.50 7.63 -4.82
C TYR B 290 -5.70 9.13 -4.74
N GLU B 291 -4.66 9.90 -4.40
CA GLU B 291 -4.84 11.35 -4.19
C GLU B 291 -5.24 12.11 -5.46
N LYS B 292 -6.31 12.90 -5.35
CA LYS B 292 -6.84 13.69 -6.48
C LYS B 292 -6.40 15.15 -6.48
N ALA B 293 -5.84 15.64 -5.38
CA ALA B 293 -5.40 17.04 -5.31
C ALA B 293 -4.19 17.28 -6.23
N THR B 294 -3.51 16.20 -6.59
CA THR B 294 -2.35 16.25 -7.47
C THR B 294 -2.53 15.21 -8.56
N ARG B 295 -1.83 15.38 -9.69
CA ARG B 295 -1.91 14.39 -10.78
C ARG B 295 -1.23 13.09 -10.32
N ASN B 296 -0.09 13.23 -9.69
CA ASN B 296 0.67 12.11 -9.09
C ASN B 296 1.18 12.53 -7.72
N THR B 297 1.77 11.61 -6.99
CA THR B 297 2.33 11.93 -5.70
C THR B 297 3.84 11.94 -5.87
N LEU B 298 4.45 13.11 -5.71
CA LEU B 298 5.89 13.22 -5.82
C LEU B 298 6.49 12.37 -4.71
N ASP B 299 7.34 11.42 -5.07
CA ASP B 299 7.95 10.53 -4.07
C ASP B 299 9.36 11.07 -3.85
N ILE B 300 9.46 12.11 -3.03
CA ILE B 300 10.75 12.77 -2.81
C ILE B 300 11.76 11.82 -2.17
N SER B 301 11.29 10.83 -1.41
CA SER B 301 12.20 9.87 -0.74
C SER B 301 12.96 8.98 -1.73
N ALA B 302 12.46 8.88 -2.96
CA ALA B 302 13.14 8.11 -4.00
C ALA B 302 14.56 8.65 -4.29
N VAL B 303 14.76 9.97 -4.14
CA VAL B 303 16.05 10.58 -4.43
C VAL B 303 17.17 10.02 -3.54
N PRO B 304 17.05 10.15 -2.21
CA PRO B 304 18.13 9.58 -1.37
C PRO B 304 18.24 8.06 -1.45
N ILE B 305 17.13 7.37 -1.70
CA ILE B 305 17.20 5.92 -1.83
C ILE B 305 18.04 5.56 -3.05
N LEU B 306 17.73 6.19 -4.19
CA LEU B 306 18.44 5.95 -5.45
C LEU B 306 19.91 6.39 -5.37
N LYS B 307 20.16 7.53 -4.71
CA LYS B 307 21.54 8.03 -4.54
C LYS B 307 22.37 7.10 -3.68
N LYS B 308 21.73 6.34 -2.79
CA LYS B 308 22.44 5.41 -1.93
C LYS B 308 22.61 4.05 -2.60
N GLU B 309 21.57 3.54 -3.26
CA GLU B 309 21.65 2.22 -3.90
C GLU B 309 22.42 2.22 -5.22
N THR B 310 22.29 3.28 -6.02
CA THR B 310 22.98 3.38 -7.31
C THR B 310 24.02 4.51 -7.34
N HIS B 311 24.83 4.53 -8.39
CA HIS B 311 25.81 5.59 -8.59
C HIS B 311 25.35 6.53 -9.67
N LEU B 312 24.09 6.42 -10.06
CA LEU B 312 23.55 7.22 -11.15
C LEU B 312 22.98 8.54 -10.66
N PRO B 313 23.10 9.59 -11.46
CA PRO B 313 22.53 10.84 -11.04
C PRO B 313 21.00 10.74 -11.01
N VAL B 314 20.36 11.60 -10.22
CA VAL B 314 18.92 11.53 -10.03
C VAL B 314 18.30 12.90 -10.14
N MET B 315 17.38 13.04 -11.08
CA MET B 315 16.68 14.30 -11.26
C MET B 315 15.23 14.17 -10.79
N VAL B 316 14.56 15.32 -10.61
CA VAL B 316 13.17 15.37 -10.21
C VAL B 316 12.41 16.26 -11.20
N ASP B 317 11.35 15.72 -11.78
CA ASP B 317 10.44 16.43 -12.69
C ASP B 317 9.29 16.92 -11.84
N VAL B 318 9.25 18.23 -11.60
CA VAL B 318 8.22 18.80 -10.74
C VAL B 318 6.89 19.09 -11.42
N THR B 319 6.85 19.10 -12.75
CA THR B 319 5.61 19.40 -13.48
C THR B 319 4.74 18.16 -13.62
N HIS B 320 5.33 17.05 -14.07
CA HIS B 320 4.54 15.83 -14.28
C HIS B 320 4.17 15.10 -13.03
N SER B 321 4.87 15.39 -11.94
CA SER B 321 4.55 14.80 -10.66
C SER B 321 3.30 15.45 -10.05
N THR B 322 3.39 16.73 -9.73
CA THR B 322 2.31 17.43 -9.08
C THR B 322 1.17 17.80 -10.04
N GLY B 323 1.51 18.12 -11.28
CA GLY B 323 0.53 18.54 -12.27
C GLY B 323 -0.10 19.87 -11.89
N ARG B 324 0.57 20.64 -11.03
CA ARG B 324 0.06 21.93 -10.55
C ARG B 324 1.12 23.02 -10.55
N LYS B 325 0.79 24.09 -11.25
CA LYS B 325 1.68 25.22 -11.39
C LYS B 325 2.04 25.85 -10.05
N ASP B 326 1.10 25.86 -9.10
CA ASP B 326 1.36 26.46 -7.78
C ASP B 326 2.27 25.60 -6.88
N LEU B 327 2.62 24.40 -7.31
CA LEU B 327 3.48 23.54 -6.51
C LEU B 327 4.89 23.40 -7.08
N LEU B 328 5.14 23.98 -8.24
CA LEU B 328 6.45 23.85 -8.91
C LEU B 328 7.60 24.37 -8.06
N LEU B 329 7.46 25.60 -7.57
CA LEU B 329 8.52 26.22 -6.78
C LEU B 329 8.75 25.48 -5.46
N PRO B 330 7.68 25.28 -4.66
CA PRO B 330 7.92 24.54 -3.43
C PRO B 330 8.55 23.18 -3.67
N CYS B 331 8.03 22.41 -4.63
CA CYS B 331 8.62 21.09 -4.92
C CYS B 331 10.07 21.16 -5.43
N ALA B 332 10.39 22.19 -6.21
CA ALA B 332 11.76 22.37 -6.70
C ALA B 332 12.71 22.60 -5.51
N LYS B 333 12.27 23.42 -4.55
CA LYS B 333 13.08 23.70 -3.35
C LYS B 333 13.34 22.43 -2.55
N ALA B 334 12.33 21.58 -2.41
CA ALA B 334 12.49 20.33 -1.69
C ALA B 334 13.50 19.44 -2.40
N ALA B 335 13.38 19.39 -3.74
CA ALA B 335 14.27 18.58 -4.56
C ALA B 335 15.73 19.01 -4.40
N LEU B 336 15.95 20.31 -4.45
CA LEU B 336 17.30 20.87 -4.28
C LEU B 336 17.86 20.54 -2.90
N ALA B 337 17.06 20.76 -1.86
CA ALA B 337 17.49 20.51 -0.49
C ALA B 337 17.77 19.04 -0.22
N ILE B 338 17.04 18.14 -0.88
CA ILE B 338 17.25 16.71 -0.65
C ILE B 338 18.41 16.20 -1.53
N GLU B 339 19.07 17.15 -2.21
CA GLU B 339 20.26 16.89 -3.02
C GLU B 339 20.04 16.14 -4.35
N ALA B 340 18.94 16.47 -5.03
CA ALA B 340 18.71 15.94 -6.36
C ALA B 340 19.82 16.53 -7.25
N ASP B 341 20.15 15.85 -8.34
CA ASP B 341 21.20 16.31 -9.24
C ASP B 341 20.63 17.30 -10.26
N GLY B 342 19.32 17.45 -10.26
CA GLY B 342 18.69 18.40 -11.17
C GLY B 342 17.20 18.43 -11.03
N VAL B 343 16.60 19.45 -11.64
CA VAL B 343 15.17 19.66 -11.62
C VAL B 343 14.68 19.95 -13.05
N MET B 344 13.54 19.37 -13.42
N MET B 344 13.52 19.40 -13.39
CA MET B 344 12.92 19.57 -14.73
CA MET B 344 12.93 19.59 -14.70
C MET B 344 11.55 20.20 -14.56
C MET B 344 11.55 20.21 -14.55
N ALA B 345 11.24 21.19 -15.40
CA ALA B 345 9.94 21.85 -15.34
C ALA B 345 9.61 22.41 -16.70
N GLU B 346 8.33 22.48 -16.99
CA GLU B 346 7.86 22.90 -18.28
C GLU B 346 7.52 24.37 -18.40
N VAL B 347 7.95 24.94 -19.53
CA VAL B 347 7.77 26.33 -19.87
C VAL B 347 7.27 26.40 -21.31
N HIS B 348 6.28 27.24 -21.59
CA HIS B 348 5.67 27.36 -22.90
C HIS B 348 5.28 28.81 -23.11
N PRO B 349 5.51 29.36 -24.31
CA PRO B 349 5.21 30.79 -24.52
C PRO B 349 3.74 31.17 -24.39
N ASP B 350 2.84 30.22 -24.57
CA ASP B 350 1.41 30.50 -24.53
C ASP B 350 0.69 29.23 -24.09
N PRO B 351 0.78 28.88 -22.79
CA PRO B 351 0.22 27.62 -22.28
C PRO B 351 -1.26 27.39 -22.55
N ALA B 352 -2.06 28.44 -22.56
CA ALA B 352 -3.50 28.30 -22.79
C ALA B 352 -3.81 27.57 -24.12
N VAL B 353 -2.95 27.72 -25.12
CA VAL B 353 -3.18 27.07 -26.41
C VAL B 353 -2.27 25.87 -26.67
N ALA B 354 -1.53 25.43 -25.65
CA ALA B 354 -0.62 24.28 -25.79
C ALA B 354 -1.39 23.04 -26.17
N LEU B 355 -0.74 22.14 -26.91
CA LEU B 355 -1.38 20.91 -27.36
C LEU B 355 -1.30 19.80 -26.30
N SER B 356 -0.69 20.10 -25.15
CA SER B 356 -0.57 19.16 -24.03
C SER B 356 -0.22 19.91 -22.75
N ASP B 357 -0.66 19.40 -21.59
CA ASP B 357 -0.40 20.04 -20.28
C ASP B 357 -0.60 21.56 -20.28
N SER B 358 -1.70 22.02 -20.83
N SER B 358 -1.71 22.03 -20.84
CA SER B 358 -2.00 23.46 -20.93
CA SER B 358 -1.99 23.46 -20.91
C SER B 358 -1.97 24.21 -19.59
C SER B 358 -1.93 24.20 -19.58
N ALA B 359 -2.55 23.61 -18.55
CA ALA B 359 -2.59 24.25 -17.22
C ALA B 359 -1.31 24.11 -16.38
N GLN B 360 -0.46 23.15 -16.73
CA GLN B 360 0.74 22.85 -15.93
C GLN B 360 2.03 23.59 -16.31
N GLN B 361 2.07 24.17 -17.50
CA GLN B 361 3.27 24.80 -17.98
C GLN B 361 3.33 26.27 -17.62
N MET B 362 4.51 26.72 -17.24
CA MET B 362 4.72 28.13 -16.92
C MET B 362 4.87 28.92 -18.20
N ASP B 363 4.32 30.13 -18.24
CA ASP B 363 4.56 30.98 -19.38
C ASP B 363 5.88 31.70 -19.10
N ILE B 364 6.33 32.54 -20.02
CA ILE B 364 7.64 33.19 -19.90
C ILE B 364 7.78 34.12 -18.67
N PRO B 365 6.81 35.02 -18.43
CA PRO B 365 6.90 35.83 -17.20
C PRO B 365 6.88 34.97 -15.91
N GLU B 366 6.07 33.92 -15.88
CA GLU B 366 6.03 33.00 -14.73
C GLU B 366 7.36 32.26 -14.54
N PHE B 367 8.01 31.92 -15.66
CA PHE B 367 9.32 31.25 -15.61
C PHE B 367 10.36 32.20 -15.00
N GLU B 368 10.26 33.48 -15.34
CA GLU B 368 11.15 34.50 -14.79
C GLU B 368 11.02 34.58 -13.26
N GLU B 369 9.78 34.60 -12.76
CA GLU B 369 9.53 34.69 -11.32
C GLU B 369 9.99 33.42 -10.61
N PHE B 370 9.76 32.27 -11.23
CA PHE B 370 10.18 30.99 -10.68
C PHE B 370 11.69 31.00 -10.52
N TRP B 371 12.38 31.35 -11.59
CA TRP B 371 13.84 31.38 -11.61
C TRP B 371 14.40 32.36 -10.60
N ASN B 372 13.81 33.53 -10.53
CA ASN B 372 14.22 34.52 -9.54
C ASN B 372 14.06 34.02 -8.11
N ALA B 373 13.01 33.22 -7.86
CA ALA B 373 12.79 32.65 -6.54
C ALA B 373 13.83 31.55 -6.26
N ILE B 374 14.20 30.79 -7.28
CA ILE B 374 15.23 29.78 -7.12
C ILE B 374 16.57 30.43 -6.75
N LEU B 375 16.92 31.50 -7.47
CA LEU B 375 18.15 32.23 -7.20
C LEU B 375 18.16 32.83 -5.79
N ALA B 376 17.01 33.37 -5.36
CA ALA B 376 16.91 33.98 -4.03
C ALA B 376 16.87 32.98 -2.87
N SER B 377 16.59 31.72 -3.17
CA SER B 377 16.46 30.68 -2.13
C SER B 377 17.77 30.27 -1.46
N ASN B 378 18.90 30.56 -2.10
CA ASN B 378 20.22 30.18 -1.60
C ASN B 378 20.43 28.67 -1.58
N LEU B 379 19.59 27.94 -2.30
CA LEU B 379 19.72 26.50 -2.40
C LEU B 379 20.64 26.13 -3.57
N VAL B 380 20.92 27.11 -4.44
CA VAL B 380 21.73 26.90 -5.64
C VAL B 380 22.91 27.88 -5.71
N PRO B 381 24.08 27.43 -6.24
CA PRO B 381 25.21 28.35 -6.42
C PRO B 381 25.07 29.30 -7.63
N HIS B 382 24.12 29.02 -8.53
CA HIS B 382 23.87 29.88 -9.69
C HIS B 382 23.70 31.31 -9.27
MN MN C . -24.46 3.89 2.25
C1 PEP D . -22.32 1.99 5.96
O1 PEP D . -23.30 2.75 5.97
O2' PEP D . -22.45 0.75 5.96
C2 PEP D . -20.99 2.57 5.90
C3 PEP D . -20.68 3.62 6.65
O2 PEP D . -20.07 1.97 4.97
P PEP D . -18.46 1.94 5.12
O1P PEP D . -18.15 1.87 6.60
O2P PEP D . -18.00 3.21 4.43
O3P PEP D . -18.16 0.68 4.33
CL CL E . -19.27 11.77 3.66
CL CL E . -19.17 10.49 2.51
MN MN F . 4.25 17.85 -19.98
C1 PEP G . 7.50 14.15 -20.54
O1 PEP G . 7.19 14.90 -21.48
O2' PEP G . 8.59 14.29 -19.94
C2 PEP G . 6.56 13.12 -20.14
C3 PEP G . 5.79 12.50 -21.03
O2 PEP G . 6.47 12.79 -18.74
P PEP G . 6.22 11.31 -18.15
O1P PEP G . 4.71 11.20 -18.03
O2P PEP G . 6.93 11.43 -16.83
O3P PEP G . 6.81 10.32 -19.11
CL CL H . -2.48 12.39 -22.21
#